data_4XXJ
#
_entry.id   4XXJ
#
_cell.length_a   105.840
_cell.length_b   60.760
_cell.length_c   113.360
_cell.angle_alpha   90.00
_cell.angle_beta   99.78
_cell.angle_gamma   90.00
#
_symmetry.space_group_name_H-M   'C 1 2 1'
#
loop_
_entity.id
_entity.type
_entity.pdbx_description
1 polymer Bacteriorhodopsin
2 non-polymer EICOSANE
3 non-polymer '[(Z)-octadec-9-enyl] (2R)-2,3-bis(oxidanyl)propanoate'
4 water water
#
_entity_poly.entity_id   1
_entity_poly.type   'polypeptide(L)'
_entity_poly.pdbx_seq_one_letter_code
;MQAQITGRPEWIWLALGTALMGLGTLYFLVKGMGVSDPDAKKFYAITTLVPAIAFTMYLSMLLGYGLTMVPFGGEQNPIY
WARYADWLFTTPLLLLDLALLVDADQGTILALVGADGIMIGTGLVGALTKVYSYRFVWWAISTAAMLYILYVLFFGFTSK
AESMRPEVASTFKVLRNVTVVLWSAYPVVWLIGSEGAGIVPLNIETLLFMVLDVSA(LYR)VGFGLILLRSRAIFGEAEA
PEPSAGDGAAATSDGSGIEGRSGAPHHHHHHHH
;
_entity_poly.pdbx_strand_id   A,B,C
#
loop_
_chem_comp.id
_chem_comp.type
_chem_comp.name
_chem_comp.formula
LFA non-polymer EICOSANE 'C20 H42'
MPG non-polymer '[(Z)-octadec-9-enyl] (2R)-2,3-bis(oxidanyl)propanoate' 'C21 H40 O4'
#
# COMPACT_ATOMS: atom_id res chain seq x y z
N ILE A 5 18.59 13.04 -21.99
CA ILE A 5 19.03 12.46 -20.68
C ILE A 5 20.15 13.27 -20.03
N THR A 6 20.87 14.06 -20.84
CA THR A 6 21.96 14.88 -20.34
C THR A 6 21.55 16.35 -20.31
N GLY A 7 20.26 16.63 -20.48
CA GLY A 7 19.76 17.99 -20.53
C GLY A 7 19.73 18.72 -19.19
N ARG A 8 19.75 17.97 -18.09
CA ARG A 8 19.75 18.59 -16.77
C ARG A 8 21.06 18.27 -16.08
N PRO A 9 21.66 19.25 -15.40
CA PRO A 9 22.99 19.05 -14.81
C PRO A 9 23.05 17.91 -13.77
N GLU A 10 21.96 17.65 -13.07
CA GLU A 10 21.94 16.59 -12.08
C GLU A 10 21.91 15.18 -12.69
N TRP A 11 21.80 15.08 -14.02
CA TRP A 11 21.71 13.77 -14.67
C TRP A 11 22.84 12.83 -14.23
N ILE A 12 24.05 13.36 -14.11
CA ILE A 12 25.20 12.52 -13.81
C ILE A 12 25.05 11.82 -12.47
N TRP A 13 24.50 12.51 -11.48
CA TRP A 13 24.27 11.90 -10.18
C TRP A 13 23.13 10.88 -10.23
N LEU A 14 22.12 11.13 -11.06
CA LEU A 14 21.04 10.17 -11.23
C LEU A 14 21.50 8.92 -11.96
N ALA A 15 22.39 9.10 -12.93
CA ALA A 15 22.97 7.99 -13.66
C ALA A 15 23.88 7.17 -12.74
N LEU A 16 24.71 7.86 -11.97
CA LEU A 16 25.60 7.18 -11.02
C LEU A 16 24.80 6.43 -9.97
N GLY A 17 23.75 7.05 -9.42
CA GLY A 17 22.86 6.38 -8.46
C GLY A 17 22.19 5.13 -9.04
N THR A 18 21.71 5.26 -10.27
CA THR A 18 21.08 4.11 -10.94
C THR A 18 22.04 2.94 -11.01
N ALA A 19 23.27 3.21 -11.46
CA ALA A 19 24.27 2.18 -11.64
C ALA A 19 24.70 1.57 -10.31
N LEU A 20 24.84 2.41 -9.28
CA LEU A 20 25.28 1.91 -8.00
C LEU A 20 24.20 1.07 -7.32
N MET A 21 22.94 1.49 -7.44
CA MET A 21 21.83 0.70 -6.89
C MET A 21 21.65 -0.60 -7.67
N GLY A 22 21.89 -0.54 -8.99
CA GLY A 22 21.75 -1.72 -9.84
C GLY A 22 22.82 -2.76 -9.50
N LEU A 23 24.07 -2.31 -9.45
CA LEU A 23 25.20 -3.15 -9.07
C LEU A 23 25.01 -3.73 -7.67
N GLY A 24 24.61 -2.90 -6.73
CA GLY A 24 24.34 -3.38 -5.38
C GLY A 24 23.26 -4.45 -5.36
N THR A 25 22.22 -4.26 -6.16
CA THR A 25 21.14 -5.24 -6.24
C THR A 25 21.64 -6.58 -6.77
N LEU A 26 22.40 -6.54 -7.86
CA LEU A 26 22.92 -7.76 -8.47
C LEU A 26 23.89 -8.47 -7.51
N TYR A 27 24.73 -7.71 -6.83
CA TYR A 27 25.65 -8.28 -5.86
C TYR A 27 24.91 -8.97 -4.72
N PHE A 28 23.90 -8.30 -4.14
CA PHE A 28 23.12 -8.92 -3.06
C PHE A 28 22.32 -10.15 -3.55
N LEU A 29 21.79 -10.07 -4.76
CA LEU A 29 21.10 -11.20 -5.37
C LEU A 29 22.00 -12.43 -5.45
N VAL A 30 23.18 -12.23 -6.03
CA VAL A 30 24.14 -13.33 -6.19
C VAL A 30 24.64 -13.84 -4.84
N LYS A 31 24.96 -12.92 -3.94
CA LYS A 31 25.42 -13.30 -2.59
C LYS A 31 24.37 -14.15 -1.87
N GLY A 32 23.09 -13.86 -2.11
CA GLY A 32 22.01 -14.54 -1.41
C GLY A 32 21.67 -15.92 -1.95
N MET A 33 22.13 -16.20 -3.16
CA MET A 33 21.85 -17.49 -3.80
C MET A 33 22.28 -18.67 -2.95
N GLY A 34 21.37 -19.61 -2.75
CA GLY A 34 21.70 -20.84 -2.04
C GLY A 34 21.69 -20.71 -0.54
N VAL A 35 21.27 -19.55 -0.04
CA VAL A 35 21.12 -19.38 1.40
C VAL A 35 19.86 -20.11 1.86
N SER A 36 20.00 -21.08 2.76
CA SER A 36 18.86 -21.90 3.16
C SER A 36 18.33 -21.59 4.55
N ASP A 37 19.10 -20.87 5.36
CA ASP A 37 18.61 -20.50 6.68
C ASP A 37 17.41 -19.56 6.54
N PRO A 38 16.27 -19.94 7.12
CA PRO A 38 15.04 -19.14 7.06
C PRO A 38 15.21 -17.69 7.51
N ASP A 39 15.90 -17.48 8.63
CA ASP A 39 16.18 -16.13 9.08
C ASP A 39 16.99 -15.36 8.05
N ALA A 40 18.07 -15.96 7.58
CA ALA A 40 18.97 -15.28 6.63
C ALA A 40 18.23 -14.95 5.33
N LYS A 41 17.32 -15.83 4.93
CA LYS A 41 16.51 -15.60 3.74
C LYS A 41 15.70 -14.33 3.86
N LYS A 42 15.15 -14.07 5.04
CA LYS A 42 14.38 -12.85 5.30
C LYS A 42 15.23 -11.62 5.13
N PHE A 43 16.41 -11.65 5.75
CA PHE A 43 17.34 -10.54 5.68
C PHE A 43 17.82 -10.26 4.27
N TYR A 44 18.09 -11.32 3.51
CA TYR A 44 18.53 -11.16 2.12
C TYR A 44 17.40 -10.61 1.25
N ALA A 45 16.18 -11.09 1.47
CA ALA A 45 15.01 -10.67 0.70
C ALA A 45 14.75 -9.17 0.90
N ILE A 46 14.67 -8.78 2.17
CA ILE A 46 14.51 -7.37 2.54
C ILE A 46 15.60 -6.50 1.95
N THR A 47 16.83 -6.93 2.14
CA THR A 47 17.99 -6.10 1.89
C THR A 47 18.29 -5.97 0.41
N THR A 48 17.89 -6.98 -0.36
CA THR A 48 18.04 -6.95 -1.81
C THR A 48 16.95 -6.11 -2.47
N LEU A 49 15.74 -6.16 -1.91
CA LEU A 49 14.61 -5.38 -2.45
C LEU A 49 14.84 -3.89 -2.33
N VAL A 50 15.51 -3.47 -1.26
CA VAL A 50 15.75 -2.06 -1.01
C VAL A 50 16.45 -1.38 -2.20
N PRO A 51 17.65 -1.85 -2.59
CA PRO A 51 18.31 -1.22 -3.73
C PRO A 51 17.63 -1.51 -5.08
N ALA A 52 16.85 -2.59 -5.15
CA ALA A 52 16.16 -2.92 -6.38
C ALA A 52 15.08 -1.86 -6.63
N ILE A 53 14.35 -1.51 -5.58
CA ILE A 53 13.34 -0.47 -5.65
C ILE A 53 14.00 0.88 -5.92
N ALA A 54 15.08 1.16 -5.19
CA ALA A 54 15.84 2.41 -5.40
C ALA A 54 16.36 2.52 -6.83
N PHE A 55 16.81 1.41 -7.38
CA PHE A 55 17.26 1.38 -8.76
C PHE A 55 16.15 1.86 -9.72
N THR A 56 14.93 1.34 -9.54
CA THR A 56 13.83 1.71 -10.43
C THR A 56 13.50 3.19 -10.30
N MET A 57 13.61 3.73 -9.09
CA MET A 57 13.22 5.11 -8.87
CA MET A 57 13.22 5.11 -8.88
C MET A 57 14.31 6.07 -9.34
N TYR A 58 15.58 5.66 -9.20
CA TYR A 58 16.70 6.45 -9.76
C TYR A 58 16.59 6.50 -11.28
N LEU A 59 16.21 5.37 -11.87
CA LEU A 59 16.06 5.32 -13.32
C LEU A 59 14.90 6.22 -13.75
N SER A 60 13.82 6.21 -12.98
CA SER A 60 12.67 7.06 -13.27
C SER A 60 13.08 8.53 -13.25
N MET A 61 13.88 8.93 -12.26
CA MET A 61 14.35 10.31 -12.20
C MET A 61 15.27 10.62 -13.38
N LEU A 62 16.16 9.69 -13.69
CA LEU A 62 17.10 9.84 -14.81
C LEU A 62 16.36 10.04 -16.13
N LEU A 63 15.33 9.25 -16.37
CA LEU A 63 14.55 9.32 -17.60
C LEU A 63 13.50 10.44 -17.59
N GLY A 64 13.35 11.16 -16.47
CA GLY A 64 12.47 12.32 -16.44
C GLY A 64 11.06 12.01 -15.96
N TYR A 65 10.72 10.73 -15.86
CA TYR A 65 9.37 10.35 -15.45
C TYR A 65 9.04 10.80 -14.00
N GLY A 66 10.01 10.70 -13.11
CA GLY A 66 9.78 10.97 -11.69
C GLY A 66 10.05 12.40 -11.30
N LEU A 67 9.95 13.30 -12.28
CA LEU A 67 10.14 14.72 -12.07
C LEU A 67 8.84 15.45 -12.39
N THR A 68 8.45 16.39 -11.53
CA THR A 68 7.34 17.28 -11.86
C THR A 68 7.74 18.71 -11.54
N MET A 69 6.91 19.68 -11.92
CA MET A 69 7.16 21.09 -11.59
C MET A 69 6.07 21.59 -10.65
N VAL A 70 6.48 22.30 -9.61
CA VAL A 70 5.54 22.82 -8.62
C VAL A 70 5.76 24.32 -8.43
N PRO A 71 4.72 25.13 -8.66
CA PRO A 71 4.88 26.57 -8.51
C PRO A 71 4.81 27.01 -7.05
N PHE A 72 5.82 27.76 -6.62
CA PHE A 72 5.79 28.43 -5.32
C PHE A 72 6.95 29.43 -5.27
N GLY A 73 6.81 30.44 -4.40
CA GLY A 73 7.83 31.47 -4.26
C GLY A 73 8.19 32.18 -5.55
N GLY A 74 7.23 32.32 -6.45
CA GLY A 74 7.46 33.03 -7.71
C GLY A 74 8.28 32.27 -8.74
N GLU A 75 8.34 30.94 -8.60
CA GLU A 75 9.10 30.12 -9.55
C GLU A 75 8.37 28.81 -9.83
N GLN A 76 8.69 28.20 -10.96
CA GLN A 76 8.39 26.82 -11.23
C GLN A 76 9.53 26.01 -10.65
N ASN A 77 9.23 25.14 -9.69
CA ASN A 77 10.27 24.42 -8.97
C ASN A 77 10.34 22.95 -9.36
N PRO A 78 11.51 22.48 -9.80
CA PRO A 78 11.64 21.07 -10.18
C PRO A 78 11.61 20.16 -8.96
N ILE A 79 10.61 19.30 -8.88
CA ILE A 79 10.49 18.40 -7.75
C ILE A 79 10.55 16.95 -8.20
N TYR A 80 11.53 16.22 -7.69
CA TYR A 80 11.62 14.80 -7.96
C TYR A 80 10.74 14.06 -6.98
N TRP A 81 9.52 13.75 -7.42
CA TRP A 81 8.56 13.04 -6.59
C TRP A 81 8.90 11.56 -6.47
N ALA A 82 9.69 11.04 -7.39
CA ALA A 82 10.07 9.62 -7.36
C ALA A 82 10.80 9.23 -6.04
N ARG A 83 11.46 10.19 -5.40
CA ARG A 83 12.13 9.87 -4.15
C ARG A 83 11.15 9.31 -3.12
N TYR A 84 9.95 9.88 -3.07
CA TYR A 84 8.97 9.51 -2.05
C TYR A 84 8.38 8.14 -2.36
N ALA A 85 8.26 7.84 -3.65
CA ALA A 85 7.77 6.54 -4.08
C ALA A 85 8.81 5.48 -3.72
N ASP A 86 10.09 5.85 -3.82
CA ASP A 86 11.21 5.00 -3.37
C ASP A 86 11.11 4.82 -1.86
N TRP A 87 11.19 5.93 -1.13
CA TRP A 87 11.30 5.88 0.34
C TRP A 87 10.08 5.26 1.02
N LEU A 88 8.91 5.43 0.42
CA LEU A 88 7.69 4.84 0.94
C LEU A 88 7.86 3.34 1.20
N PHE A 89 8.58 2.66 0.32
CA PHE A 89 8.82 1.21 0.46
C PHE A 89 10.16 0.86 1.08
N THR A 90 11.21 1.60 0.75
CA THR A 90 12.54 1.23 1.19
C THR A 90 12.80 1.57 2.65
N THR A 91 12.23 2.67 3.15
CA THR A 91 12.49 3.03 4.56
C THR A 91 11.82 2.06 5.56
N PRO A 92 10.56 1.66 5.32
CA PRO A 92 9.99 0.62 6.17
C PRO A 92 10.78 -0.69 6.11
N LEU A 93 11.30 -1.04 4.94
CA LEU A 93 12.08 -2.28 4.77
C LEU A 93 13.37 -2.20 5.58
N LEU A 94 14.04 -1.05 5.52
CA LEU A 94 15.23 -0.85 6.32
C LEU A 94 14.91 -0.98 7.82
N LEU A 95 13.81 -0.37 8.25
CA LEU A 95 13.38 -0.47 9.65
C LEU A 95 13.09 -1.92 10.00
N LEU A 96 12.55 -2.67 9.05
CA LEU A 96 12.23 -4.07 9.26
C LEU A 96 13.50 -4.88 9.52
N ASP A 97 14.57 -4.62 8.74
CA ASP A 97 15.87 -5.27 8.97
C ASP A 97 16.28 -5.09 10.43
N LEU A 98 16.27 -3.85 10.90
CA LEU A 98 16.65 -3.57 12.28
C LEU A 98 15.74 -4.31 13.28
N ALA A 99 14.44 -4.23 13.07
CA ALA A 99 13.46 -4.84 13.97
C ALA A 99 13.65 -6.35 14.09
N LEU A 100 13.92 -7.00 12.97
CA LEU A 100 14.14 -8.45 12.96
C LEU A 100 15.45 -8.84 13.65
N LEU A 101 16.47 -8.01 13.51
CA LEU A 101 17.75 -8.25 14.16
C LEU A 101 17.55 -8.37 15.67
N VAL A 102 16.75 -7.46 16.24
CA VAL A 102 16.54 -7.45 17.69
C VAL A 102 15.27 -8.17 18.11
N ASP A 103 14.63 -8.85 17.18
CA ASP A 103 13.40 -9.60 17.43
C ASP A 103 12.33 -8.73 18.11
N ALA A 104 12.10 -7.55 17.54
CA ALA A 104 11.12 -6.60 18.07
C ALA A 104 9.72 -7.19 18.10
N ASP A 105 8.95 -6.82 19.11
CA ASP A 105 7.53 -7.15 19.19
C ASP A 105 6.77 -6.57 17.99
N GLN A 106 5.69 -7.24 17.59
CA GLN A 106 4.86 -6.81 16.48
C GLN A 106 4.36 -5.37 16.62
N GLY A 107 3.98 -5.00 17.83
CA GLY A 107 3.42 -3.68 18.09
C GLY A 107 4.42 -2.58 17.81
N THR A 108 5.67 -2.83 18.14
CA THR A 108 6.74 -1.88 17.89
C THR A 108 7.02 -1.76 16.37
N ILE A 109 6.97 -2.89 15.67
CA ILE A 109 7.18 -2.89 14.23
C ILE A 109 6.08 -2.07 13.53
N LEU A 110 4.83 -2.28 13.92
CA LEU A 110 3.71 -1.53 13.34
C LEU A 110 3.84 -0.04 13.64
N ALA A 111 4.24 0.31 14.86
CA ALA A 111 4.47 1.70 15.23
C ALA A 111 5.54 2.33 14.33
N LEU A 112 6.63 1.60 14.09
CA LEU A 112 7.73 2.08 13.26
C LEU A 112 7.29 2.26 11.80
N VAL A 113 6.61 1.25 11.28
CA VAL A 113 6.18 1.28 9.90
C VAL A 113 5.13 2.38 9.70
N GLY A 114 4.19 2.50 10.63
CA GLY A 114 3.18 3.55 10.58
C GLY A 114 3.80 4.94 10.65
N ALA A 115 4.71 5.13 11.60
CA ALA A 115 5.36 6.43 11.74
C ALA A 115 6.17 6.76 10.48
N ASP A 116 6.80 5.75 9.91
CA ASP A 116 7.60 5.92 8.69
C ASP A 116 6.71 6.32 7.52
N GLY A 117 5.56 5.68 7.40
CA GLY A 117 4.57 6.04 6.37
C GLY A 117 4.14 7.49 6.50
N ILE A 118 3.93 7.95 7.73
CA ILE A 118 3.54 9.33 7.98
C ILE A 118 4.67 10.27 7.59
N MET A 119 5.89 9.90 7.98
CA MET A 119 7.08 10.68 7.63
C MET A 119 7.21 10.87 6.12
N ILE A 120 7.10 9.80 5.36
CA ILE A 120 7.27 9.89 3.92
C ILE A 120 6.07 10.57 3.26
N GLY A 121 4.87 10.22 3.71
CA GLY A 121 3.65 10.80 3.16
C GLY A 121 3.54 12.30 3.36
N THR A 122 3.91 12.77 4.55
CA THR A 122 3.87 14.20 4.82
C THR A 122 5.01 14.91 4.12
N GLY A 123 6.12 14.21 3.90
CA GLY A 123 7.22 14.73 3.10
C GLY A 123 6.80 14.95 1.66
N LEU A 124 6.04 14.00 1.13
CA LEU A 124 5.53 14.10 -0.23
C LEU A 124 4.53 15.26 -0.34
N VAL A 125 3.63 15.38 0.62
CA VAL A 125 2.66 16.45 0.60
C VAL A 125 3.37 17.79 0.67
N GLY A 126 4.35 17.88 1.56
CA GLY A 126 5.16 19.08 1.66
C GLY A 126 5.83 19.37 0.33
N ALA A 127 6.35 18.34 -0.32
CA ALA A 127 7.08 18.52 -1.57
C ALA A 127 6.21 19.11 -2.68
N LEU A 128 4.92 18.78 -2.66
CA LEU A 128 3.99 19.15 -3.73
C LEU A 128 3.10 20.34 -3.37
N THR A 129 3.32 20.91 -2.19
CA THR A 129 2.47 21.98 -1.71
C THR A 129 2.85 23.33 -2.34
N LYS A 130 1.84 24.04 -2.84
CA LYS A 130 2.07 25.25 -3.62
C LYS A 130 2.12 26.53 -2.77
N VAL A 131 1.67 26.45 -1.52
CA VAL A 131 1.81 27.56 -0.59
C VAL A 131 3.15 27.38 0.14
N TYR A 132 4.07 28.30 -0.10
CA TYR A 132 5.43 28.16 0.37
C TYR A 132 5.52 27.89 1.88
N SER A 133 4.82 28.70 2.67
CA SER A 133 4.85 28.56 4.12
C SER A 133 4.36 27.20 4.60
N TYR A 134 3.33 26.67 3.96
CA TYR A 134 2.75 25.39 4.36
C TYR A 134 3.72 24.22 4.17
N ARG A 135 4.66 24.37 3.24
CA ARG A 135 5.62 23.30 2.94
C ARG A 135 6.41 22.94 4.18
N PHE A 136 6.71 23.96 5.00
CA PHE A 136 7.53 23.75 6.17
C PHE A 136 6.72 23.19 7.35
N VAL A 137 5.42 23.43 7.34
CA VAL A 137 4.52 22.78 8.32
C VAL A 137 4.57 21.26 8.11
N TRP A 138 4.46 20.84 6.86
CA TRP A 138 4.57 19.43 6.54
C TRP A 138 5.93 18.87 6.88
N TRP A 139 6.99 19.63 6.58
CA TRP A 139 8.35 19.23 6.91
C TRP A 139 8.50 18.99 8.40
N ALA A 140 7.92 19.89 9.20
CA ALA A 140 7.98 19.76 10.66
C ALA A 140 7.23 18.51 11.16
N ILE A 141 6.07 18.22 10.59
CA ILE A 141 5.35 17.02 10.98
C ILE A 141 6.16 15.77 10.63
N SER A 142 6.74 15.77 9.42
CA SER A 142 7.57 14.65 8.95
C SER A 142 8.77 14.43 9.86
N THR A 143 9.40 15.55 10.24
CA THR A 143 10.55 15.51 11.13
C THR A 143 10.15 14.98 12.51
N ALA A 144 8.97 15.35 12.98
CA ALA A 144 8.46 14.80 14.25
C ALA A 144 8.35 13.28 14.17
N ALA A 145 7.79 12.79 13.07
CA ALA A 145 7.68 11.34 12.86
C ALA A 145 9.07 10.67 12.81
N MET A 146 10.03 11.30 12.12
CA MET A 146 11.39 10.78 12.08
C MET A 146 12.00 10.71 13.48
N LEU A 147 11.84 11.76 14.25
CA LEU A 147 12.35 11.80 15.62
C LEU A 147 11.71 10.71 16.46
N TYR A 148 10.43 10.46 16.25
CA TYR A 148 9.78 9.34 16.93
C TYR A 148 10.44 8.01 16.59
N ILE A 149 10.72 7.80 15.30
CA ILE A 149 11.40 6.59 14.86
C ILE A 149 12.78 6.45 15.51
N LEU A 150 13.55 7.53 15.50
CA LEU A 150 14.90 7.49 16.06
C LEU A 150 14.84 7.20 17.56
N TYR A 151 13.86 7.79 18.23
CA TYR A 151 13.62 7.51 19.65
C TYR A 151 13.38 6.02 19.91
N VAL A 152 12.59 5.40 19.03
CA VAL A 152 12.28 3.98 19.18
C VAL A 152 13.50 3.13 18.94
N LEU A 153 14.31 3.50 17.95
CA LEU A 153 15.50 2.72 17.63
C LEU A 153 16.50 2.76 18.80
N PHE A 154 16.47 3.84 19.57
CA PHE A 154 17.40 4.02 20.70
C PHE A 154 16.80 3.57 22.05
N PHE A 155 15.51 3.81 22.26
CA PHE A 155 14.87 3.49 23.53
C PHE A 155 13.80 2.42 23.40
N GLY A 156 14.10 1.41 22.58
CA GLY A 156 13.18 0.30 22.38
C GLY A 156 13.96 -0.91 21.90
N PHE A 157 14.87 -0.66 20.96
CA PHE A 157 15.64 -1.71 20.32
C PHE A 157 16.99 -1.93 21.00
N THR A 158 17.73 -0.85 21.20
CA THR A 158 19.03 -0.91 21.85
C THR A 158 18.94 -1.67 23.17
N SER A 159 17.77 -1.63 23.78
CA SER A 159 17.53 -2.37 25.03
C SER A 159 17.25 -3.85 24.76
N LYS A 160 16.57 -4.14 23.66
CA LYS A 160 16.22 -5.51 23.31
C LYS A 160 17.38 -6.22 22.58
N ALA A 161 18.29 -5.42 22.02
CA ALA A 161 19.47 -5.96 21.31
C ALA A 161 20.58 -6.34 22.28
N GLU A 162 20.72 -5.57 23.36
CA GLU A 162 21.72 -5.84 24.38
C GLU A 162 21.49 -7.21 25.02
N SER A 163 20.21 -7.60 25.13
CA SER A 163 19.85 -8.88 25.72
C SER A 163 19.91 -10.01 24.70
N MET A 164 20.58 -9.76 23.57
CA MET A 164 20.73 -10.76 22.51
C MET A 164 22.19 -11.20 22.41
N ARG A 165 22.46 -12.21 21.60
CA ARG A 165 23.81 -12.73 21.45
C ARG A 165 24.70 -11.64 20.87
N PRO A 166 26.02 -11.73 21.10
CA PRO A 166 26.98 -10.64 20.87
C PRO A 166 27.14 -10.20 19.41
N GLU A 167 27.05 -11.14 18.48
CA GLU A 167 27.13 -10.79 17.06
C GLU A 167 25.98 -9.87 16.69
N VAL A 168 24.78 -10.24 17.13
CA VAL A 168 23.57 -9.47 16.88
C VAL A 168 23.69 -8.08 17.50
N ALA A 169 23.95 -8.05 18.81
CA ALA A 169 24.05 -6.79 19.52
C ALA A 169 25.01 -5.84 18.82
N SER A 170 26.14 -6.39 18.37
CA SER A 170 27.17 -5.60 17.71
C SER A 170 26.75 -5.09 16.33
N THR A 171 26.16 -5.96 15.52
CA THR A 171 25.74 -5.57 14.17
C THR A 171 24.59 -4.55 14.25
N PHE A 172 23.66 -4.79 15.16
CA PHE A 172 22.56 -3.85 15.34
C PHE A 172 23.06 -2.45 15.71
N LYS A 173 23.98 -2.36 16.66
CA LYS A 173 24.44 -1.04 17.12
C LYS A 173 25.13 -0.26 16.02
N VAL A 174 25.88 -0.95 15.18
CA VAL A 174 26.52 -0.29 14.05
C VAL A 174 25.44 0.21 13.07
N LEU A 175 24.54 -0.68 12.68
CA LEU A 175 23.48 -0.34 11.73
C LEU A 175 22.56 0.75 12.27
N ARG A 176 22.29 0.69 13.57
CA ARG A 176 21.49 1.74 14.21
C ARG A 176 22.19 3.09 14.12
N ASN A 177 23.49 3.11 14.38
CA ASN A 177 24.26 4.35 14.28
C ASN A 177 24.33 4.85 12.85
N VAL A 178 24.56 3.93 11.92
CA VAL A 178 24.60 4.31 10.51
C VAL A 178 23.28 4.96 10.13
N THR A 179 22.19 4.36 10.59
CA THR A 179 20.85 4.82 10.27
C THR A 179 20.55 6.18 10.87
N VAL A 180 20.83 6.36 12.15
CA VAL A 180 20.55 7.63 12.82
C VAL A 180 21.30 8.78 12.18
N VAL A 181 22.57 8.54 11.84
CA VAL A 181 23.38 9.58 11.23
C VAL A 181 22.88 9.92 9.83
N LEU A 182 22.74 8.91 8.97
CA LEU A 182 22.33 9.14 7.59
C LEU A 182 20.93 9.70 7.48
N TRP A 183 19.97 9.08 8.17
CA TRP A 183 18.58 9.53 8.06
C TRP A 183 18.41 10.95 8.53
N SER A 184 19.17 11.34 9.56
CA SER A 184 19.07 12.70 10.08
C SER A 184 19.49 13.75 9.07
N ALA A 185 20.33 13.38 8.11
CA ALA A 185 20.77 14.32 7.08
C ALA A 185 19.66 14.66 6.07
N TYR A 186 18.73 13.74 5.83
CA TYR A 186 17.72 13.96 4.79
C TYR A 186 16.86 15.21 5.02
N PRO A 187 16.27 15.38 6.22
CA PRO A 187 15.46 16.59 6.43
C PRO A 187 16.25 17.88 6.24
N VAL A 188 17.54 17.85 6.52
CA VAL A 188 18.40 19.02 6.33
C VAL A 188 18.58 19.30 4.84
N VAL A 189 18.90 18.27 4.06
CA VAL A 189 19.09 18.48 2.63
C VAL A 189 17.80 19.01 2.01
N TRP A 190 16.66 18.48 2.46
CA TRP A 190 15.37 18.89 1.92
C TRP A 190 15.11 20.36 2.25
N LEU A 191 15.42 20.73 3.49
CA LEU A 191 15.16 22.05 4.01
C LEU A 191 15.94 23.14 3.27
N ILE A 192 17.20 22.87 2.95
CA ILE A 192 18.04 23.87 2.27
C ILE A 192 18.07 23.68 0.75
N GLY A 193 17.44 22.60 0.27
CA GLY A 193 17.43 22.33 -1.17
C GLY A 193 16.24 22.90 -1.91
N SER A 194 16.00 22.37 -3.10
CA SER A 194 14.94 22.85 -4.01
C SER A 194 13.55 22.71 -3.41
N GLU A 195 13.34 21.72 -2.55
CA GLU A 195 12.02 21.50 -1.94
C GLU A 195 11.69 22.55 -0.88
N GLY A 196 12.74 23.14 -0.31
CA GLY A 196 12.59 24.07 0.81
C GLY A 196 13.11 25.47 0.49
N ALA A 197 14.18 25.86 1.15
CA ALA A 197 14.68 27.23 1.09
C ALA A 197 15.36 27.55 -0.24
N GLY A 198 15.88 26.53 -0.93
CA GLY A 198 16.54 26.74 -2.22
C GLY A 198 17.91 27.40 -2.11
N ILE A 199 18.61 27.11 -1.02
CA ILE A 199 19.94 27.64 -0.77
C ILE A 199 20.99 26.81 -1.51
N VAL A 200 20.70 25.53 -1.68
CA VAL A 200 21.60 24.62 -2.38
C VAL A 200 20.96 24.23 -3.71
N PRO A 201 21.68 24.40 -4.82
CA PRO A 201 21.14 24.12 -6.15
C PRO A 201 20.78 22.65 -6.30
N LEU A 202 19.92 22.36 -7.28
CA LEU A 202 19.36 21.02 -7.44
C LEU A 202 20.40 19.97 -7.77
N ASN A 203 21.41 20.32 -8.58
CA ASN A 203 22.44 19.35 -8.95
C ASN A 203 23.22 18.88 -7.72
N ILE A 204 23.50 19.80 -6.79
CA ILE A 204 24.24 19.46 -5.58
C ILE A 204 23.36 18.69 -4.60
N GLU A 205 22.10 19.11 -4.47
CA GLU A 205 21.15 18.37 -3.68
C GLU A 205 21.00 16.93 -4.16
N THR A 206 21.00 16.73 -5.47
CA THR A 206 20.85 15.39 -6.03
C THR A 206 22.10 14.54 -5.73
N LEU A 207 23.28 15.16 -5.78
CA LEU A 207 24.51 14.49 -5.36
C LEU A 207 24.43 14.08 -3.90
N LEU A 208 24.00 15.00 -3.05
CA LEU A 208 23.86 14.74 -1.63
C LEU A 208 22.90 13.57 -1.35
N PHE A 209 21.71 13.60 -1.94
CA PHE A 209 20.77 12.48 -1.74
C PHE A 209 21.30 11.16 -2.30
N MET A 210 22.08 11.23 -3.36
CA MET A 210 22.63 10.01 -3.95
C MET A 210 23.67 9.37 -3.03
N VAL A 211 24.58 10.19 -2.49
CA VAL A 211 25.56 9.69 -1.53
C VAL A 211 24.83 9.12 -0.31
N LEU A 212 23.87 9.86 0.21
CA LEU A 212 23.08 9.37 1.36
C LEU A 212 22.35 8.07 1.02
N ASP A 213 21.65 8.04 -0.12
CA ASP A 213 20.87 6.86 -0.51
C ASP A 213 21.74 5.64 -0.67
N VAL A 214 22.85 5.79 -1.39
CA VAL A 214 23.73 4.65 -1.64
C VAL A 214 24.34 4.11 -0.34
N SER A 215 24.74 5.02 0.54
CA SER A 215 25.25 4.64 1.86
C SER A 215 24.19 3.95 2.71
N ALA A 216 22.97 4.50 2.71
CA ALA A 216 21.89 4.03 3.58
C ALA A 216 21.26 2.71 3.17
N LYR A 217 21.40 2.29 1.93
CA LYR A 217 20.94 1.12 1.17
C LYR A 217 22.04 0.08 0.95
O LYR A 217 22.02 -0.99 1.57
CB LYR A 217 20.23 1.52 -0.13
CG LYR A 217 19.07 2.44 0.24
CD LYR A 217 18.14 2.70 -0.94
CE LYR A 217 16.81 3.23 -0.43
NZ LYR A 217 16.99 4.63 -0.06
C1 LYR A 217 17.08 4.98 1.22
C2 LYR A 217 16.42 6.14 1.63
C3 LYR A 217 16.30 6.62 2.94
C4 LYR A 217 16.96 5.91 4.12
C5 LYR A 217 15.57 7.81 3.15
C6 LYR A 217 15.32 8.41 4.36
C7 LYR A 217 14.57 9.60 4.20
C80 LYR A 217 14.14 10.43 5.22
C8 LYR A 217 14.48 10.07 6.67
C9 LYR A 217 13.44 11.65 4.92
C10 LYR A 217 13.00 12.47 5.92
C11 LYR A 217 12.30 13.72 5.68
C12 LYR A 217 11.93 14.49 6.75
C13 LYR A 217 12.25 14.03 8.17
C14 LYR A 217 11.19 15.81 6.67
C15 LYR A 217 10.59 16.04 5.30
C16 LYR A 217 11.49 15.61 4.16
C17 LYR A 217 11.97 14.16 4.24
C18 LYR A 217 10.89 13.19 3.72
C19 LYR A 217 13.23 14.06 3.39
N VAL A 218 22.99 0.39 0.08
CA VAL A 218 24.05 -0.55 -0.27
C VAL A 218 25.10 -0.65 0.86
N GLY A 219 25.51 0.47 1.41
CA GLY A 219 26.41 0.45 2.57
C GLY A 219 25.82 -0.33 3.73
N PHE A 220 24.61 0.07 4.13
CA PHE A 220 23.84 -0.61 5.16
C PHE A 220 23.74 -2.10 4.86
N GLY A 221 23.40 -2.44 3.62
CA GLY A 221 23.22 -3.84 3.24
C GLY A 221 24.52 -4.64 3.30
N LEU A 222 25.63 -3.99 2.94
CA LEU A 222 26.93 -4.66 2.95
C LEU A 222 27.35 -5.01 4.38
N ILE A 223 27.16 -4.06 5.30
CA ILE A 223 27.42 -4.31 6.71
C ILE A 223 26.53 -5.43 7.25
N LEU A 224 25.24 -5.38 6.92
CA LEU A 224 24.29 -6.36 7.43
C LEU A 224 24.54 -7.77 6.88
N LEU A 225 24.69 -7.90 5.58
CA LEU A 225 24.74 -9.22 4.97
C LEU A 225 26.10 -9.89 5.11
N ARG A 226 27.10 -9.13 5.56
CA ARG A 226 28.44 -9.67 5.83
C ARG A 226 28.48 -10.27 7.22
N SER A 227 27.61 -9.80 8.10
CA SER A 227 27.58 -10.23 9.48
C SER A 227 26.96 -11.63 9.62
N ARG A 228 27.37 -12.35 10.66
CA ARG A 228 26.79 -13.65 11.00
C ARG A 228 25.45 -13.47 11.70
N ALA A 229 25.14 -12.23 12.09
CA ALA A 229 23.93 -11.93 12.84
C ALA A 229 22.64 -12.27 12.10
N ILE A 230 22.71 -12.47 10.78
CA ILE A 230 21.50 -12.73 9.99
C ILE A 230 21.05 -14.18 10.09
N PHE A 231 21.91 -15.05 10.61
CA PHE A 231 21.57 -16.46 10.76
C PHE A 231 20.93 -16.71 12.13
N GLY A 232 19.95 -17.60 12.17
CA GLY A 232 19.30 -17.96 13.42
C GLY A 232 19.93 -19.21 14.02
N GLU A 233 19.32 -19.74 15.08
CA GLU A 233 19.75 -20.99 15.68
C GLU A 233 21.26 -21.05 15.88
N ILE B 5 -20.63 4.41 -23.32
CA ILE B 5 -19.94 3.11 -23.05
C ILE B 5 -19.63 2.34 -24.34
N THR B 6 -20.64 2.17 -25.18
CA THR B 6 -20.50 1.39 -26.42
C THR B 6 -19.66 2.12 -27.46
N GLY B 7 -19.08 3.26 -27.09
CA GLY B 7 -18.33 4.08 -28.06
C GLY B 7 -16.98 3.52 -28.41
N ARG B 8 -16.37 2.78 -27.48
CA ARG B 8 -15.09 2.15 -27.75
C ARG B 8 -15.38 0.69 -28.12
N PRO B 9 -14.75 0.20 -29.20
CA PRO B 9 -15.06 -1.15 -29.64
C PRO B 9 -14.71 -2.24 -28.62
N GLU B 10 -13.75 -1.96 -27.75
CA GLU B 10 -13.33 -2.95 -26.75
C GLU B 10 -14.33 -3.07 -25.61
N TRP B 11 -15.35 -2.22 -25.58
CA TRP B 11 -16.32 -2.23 -24.49
C TRP B 11 -16.89 -3.62 -24.26
N ILE B 12 -17.12 -4.36 -25.34
CA ILE B 12 -17.76 -5.67 -25.20
C ILE B 12 -16.90 -6.61 -24.34
N TRP B 13 -15.57 -6.55 -24.50
CA TRP B 13 -14.69 -7.44 -23.74
C TRP B 13 -14.58 -6.96 -22.29
N LEU B 14 -14.68 -5.65 -22.09
CA LEU B 14 -14.64 -5.09 -20.74
C LEU B 14 -15.93 -5.47 -20.01
N ALA B 15 -17.05 -5.46 -20.72
CA ALA B 15 -18.33 -5.85 -20.12
C ALA B 15 -18.32 -7.33 -19.77
N LEU B 16 -17.82 -8.15 -20.68
CA LEU B 16 -17.76 -9.59 -20.45
C LEU B 16 -16.83 -9.88 -19.27
N GLY B 17 -15.67 -9.22 -19.25
CA GLY B 17 -14.74 -9.39 -18.13
C GLY B 17 -15.37 -9.01 -16.81
N THR B 18 -16.08 -7.88 -16.79
CA THR B 18 -16.75 -7.43 -15.58
C THR B 18 -17.74 -8.49 -15.10
N ALA B 19 -18.52 -9.05 -16.01
CA ALA B 19 -19.52 -10.03 -15.65
C ALA B 19 -18.89 -11.31 -15.13
N LEU B 20 -17.81 -11.76 -15.76
CA LEU B 20 -17.21 -13.04 -15.40
C LEU B 20 -16.46 -12.94 -14.08
N MET B 21 -15.78 -11.81 -13.84
CA MET B 21 -15.14 -11.58 -12.55
C MET B 21 -16.17 -11.46 -11.43
N GLY B 22 -17.29 -10.82 -11.72
CA GLY B 22 -18.35 -10.68 -10.73
C GLY B 22 -19.01 -12.00 -10.40
N LEU B 23 -19.37 -12.74 -11.44
CA LEU B 23 -19.96 -14.07 -11.28
C LEU B 23 -19.00 -14.98 -10.51
N GLY B 24 -17.72 -14.91 -10.87
CA GLY B 24 -16.71 -15.71 -10.19
C GLY B 24 -16.58 -15.34 -8.73
N THR B 25 -16.60 -14.05 -8.44
CA THR B 25 -16.53 -13.59 -7.05
C THR B 25 -17.72 -14.14 -6.26
N LEU B 26 -18.92 -14.00 -6.80
CA LEU B 26 -20.14 -14.44 -6.10
C LEU B 26 -20.09 -15.95 -5.81
N TYR B 27 -19.65 -16.72 -6.80
CA TYR B 27 -19.50 -18.16 -6.65
C TYR B 27 -18.52 -18.52 -5.52
N PHE B 28 -17.35 -17.88 -5.50
CA PHE B 28 -16.36 -18.19 -4.47
C PHE B 28 -16.88 -17.76 -3.09
N LEU B 29 -17.62 -16.67 -3.04
CA LEU B 29 -18.22 -16.20 -1.79
C LEU B 29 -19.19 -17.23 -1.21
N VAL B 30 -20.10 -17.72 -2.04
CA VAL B 30 -21.09 -18.69 -1.60
C VAL B 30 -20.41 -20.01 -1.23
N LYS B 31 -19.51 -20.46 -2.10
CA LYS B 31 -18.79 -21.71 -1.90
C LYS B 31 -18.00 -21.72 -0.60
N GLY B 32 -17.51 -20.56 -0.19
CA GLY B 32 -16.69 -20.44 0.99
C GLY B 32 -17.49 -20.34 2.27
N MET B 33 -18.81 -20.17 2.15
CA MET B 33 -19.68 -20.11 3.32
C MET B 33 -19.56 -21.37 4.15
N GLY B 34 -19.57 -21.20 5.47
CA GLY B 34 -19.56 -22.33 6.38
C GLY B 34 -18.25 -23.11 6.33
N VAL B 35 -17.18 -22.44 5.93
CA VAL B 35 -15.85 -23.06 5.98
C VAL B 35 -15.18 -22.62 7.27
N SER B 36 -14.84 -23.58 8.12
CA SER B 36 -14.34 -23.27 9.45
C SER B 36 -12.85 -23.54 9.63
N ASP B 37 -12.29 -24.44 8.84
CA ASP B 37 -10.85 -24.72 8.90
C ASP B 37 -10.04 -23.46 8.60
N PRO B 38 -9.13 -23.07 9.51
CA PRO B 38 -8.35 -21.85 9.38
C PRO B 38 -7.56 -21.74 8.06
N ASP B 39 -6.91 -22.83 7.64
CA ASP B 39 -6.14 -22.79 6.42
C ASP B 39 -7.04 -22.56 5.19
N ALA B 40 -8.15 -23.29 5.12
CA ALA B 40 -9.10 -23.16 4.01
C ALA B 40 -9.65 -21.74 3.94
N LYS B 41 -9.93 -21.16 5.10
CA LYS B 41 -10.41 -19.79 5.17
C LYS B 41 -9.44 -18.83 4.48
N LYS B 42 -8.15 -19.05 4.74
CA LYS B 42 -7.09 -18.24 4.16
C LYS B 42 -7.17 -18.30 2.65
N PHE B 43 -7.21 -19.52 2.11
CA PHE B 43 -7.29 -19.69 0.65
C PHE B 43 -8.54 -19.09 0.04
N TYR B 44 -9.70 -19.25 0.69
CA TYR B 44 -10.95 -18.69 0.19
C TYR B 44 -10.93 -17.17 0.21
N ALA B 45 -10.37 -16.60 1.27
CA ALA B 45 -10.28 -15.15 1.40
C ALA B 45 -9.43 -14.56 0.28
N ILE B 46 -8.24 -15.12 0.12
CA ILE B 46 -7.29 -14.71 -0.91
C ILE B 46 -7.88 -14.85 -2.29
N THR B 47 -8.46 -16.01 -2.54
CA THR B 47 -8.90 -16.38 -3.87
C THR B 47 -10.20 -15.69 -4.26
N THR B 48 -10.99 -15.29 -3.27
CA THR B 48 -12.22 -14.53 -3.51
C THR B 48 -11.91 -13.05 -3.76
N LEU B 49 -10.95 -12.51 -3.02
CA LEU B 49 -10.54 -11.12 -3.20
C LEU B 49 -9.99 -10.86 -4.59
N VAL B 50 -9.31 -11.86 -5.16
CA VAL B 50 -8.68 -11.68 -6.50
C VAL B 50 -9.71 -11.25 -7.56
N PRO B 51 -10.77 -12.03 -7.80
CA PRO B 51 -11.75 -11.58 -8.82
C PRO B 51 -12.64 -10.41 -8.36
N ALA B 52 -12.76 -10.24 -7.04
CA ALA B 52 -13.49 -9.10 -6.52
C ALA B 52 -12.77 -7.81 -6.90
N ILE B 53 -11.47 -7.76 -6.69
CA ILE B 53 -10.68 -6.60 -7.10
C ILE B 53 -10.67 -6.45 -8.63
N ALA B 54 -10.53 -7.56 -9.34
CA ALA B 54 -10.54 -7.48 -10.79
C ALA B 54 -11.90 -6.98 -11.30
N PHE B 55 -12.99 -7.35 -10.62
CA PHE B 55 -14.31 -6.90 -11.00
C PHE B 55 -14.38 -5.37 -10.95
N THR B 56 -13.87 -4.78 -9.89
CA THR B 56 -13.91 -3.34 -9.75
C THR B 56 -13.09 -2.64 -10.83
N MET B 57 -11.96 -3.23 -11.24
CA MET B 57 -11.08 -2.57 -12.20
CA MET B 57 -11.10 -2.56 -12.18
C MET B 57 -11.59 -2.76 -13.62
N TYR B 58 -12.20 -3.92 -13.91
CA TYR B 58 -12.88 -4.09 -15.19
C TYR B 58 -14.03 -3.09 -15.33
N LEU B 59 -14.80 -2.90 -14.27
CA LEU B 59 -15.88 -1.95 -14.28
C LEU B 59 -15.34 -0.55 -14.50
N SER B 60 -14.24 -0.23 -13.82
CA SER B 60 -13.58 1.07 -14.02
C SER B 60 -13.21 1.27 -15.49
N MET B 61 -12.67 0.24 -16.11
CA MET B 61 -12.29 0.37 -17.52
C MET B 61 -13.53 0.51 -18.40
N LEU B 62 -14.56 -0.29 -18.13
CA LEU B 62 -15.83 -0.24 -18.87
C LEU B 62 -16.47 1.13 -18.80
N LEU B 63 -16.45 1.74 -17.62
CA LEU B 63 -17.08 3.02 -17.41
C LEU B 63 -16.19 4.20 -17.82
N GLY B 64 -14.94 3.91 -18.13
CA GLY B 64 -14.03 4.93 -18.69
C GLY B 64 -13.13 5.58 -17.65
N TYR B 65 -13.39 5.32 -16.37
CA TYR B 65 -12.58 5.90 -15.31
C TYR B 65 -11.11 5.45 -15.40
N GLY B 66 -10.89 4.17 -15.67
CA GLY B 66 -9.55 3.60 -15.66
C GLY B 66 -8.82 3.71 -17.00
N LEU B 67 -9.19 4.71 -17.80
CA LEU B 67 -8.57 4.96 -19.11
C LEU B 67 -7.90 6.33 -19.10
N THR B 68 -6.69 6.44 -19.64
CA THR B 68 -6.09 7.76 -19.80
C THR B 68 -5.47 7.85 -21.18
N MET B 69 -4.93 9.02 -21.51
CA MET B 69 -4.26 9.23 -22.79
C MET B 69 -2.82 9.63 -22.55
N VAL B 70 -1.89 8.89 -23.13
CA VAL B 70 -0.48 9.18 -22.96
C VAL B 70 0.13 9.55 -24.31
N PRO B 71 0.81 10.70 -24.37
CA PRO B 71 1.48 11.04 -25.64
C PRO B 71 2.81 10.32 -25.81
N PHE B 72 2.96 9.64 -26.94
CA PHE B 72 4.26 9.14 -27.38
C PHE B 72 4.18 8.83 -28.87
N GLY B 73 5.33 8.87 -29.54
CA GLY B 73 5.38 8.63 -30.98
C GLY B 73 4.65 9.71 -31.76
N GLY B 74 4.49 10.88 -31.14
CA GLY B 74 3.83 12.01 -31.78
C GLY B 74 2.30 11.97 -31.69
N GLU B 75 1.76 10.90 -31.09
CA GLU B 75 0.30 10.74 -30.99
C GLU B 75 -0.17 10.68 -29.55
N GLN B 76 -1.49 10.69 -29.38
CA GLN B 76 -2.11 10.52 -28.07
C GLN B 76 -2.65 9.10 -28.03
N ASN B 77 -2.17 8.32 -27.07
CA ASN B 77 -2.39 6.88 -27.04
C ASN B 77 -3.26 6.48 -25.86
N PRO B 78 -4.35 5.73 -26.11
CA PRO B 78 -5.23 5.26 -25.04
C PRO B 78 -4.56 4.16 -24.20
N ILE B 79 -4.45 4.41 -22.90
CA ILE B 79 -3.81 3.47 -22.00
C ILE B 79 -4.75 3.19 -20.84
N TYR B 80 -5.12 1.93 -20.66
CA TYR B 80 -5.92 1.53 -19.51
C TYR B 80 -5.01 1.30 -18.31
N TRP B 81 -4.92 2.32 -17.45
CA TRP B 81 -4.07 2.25 -16.27
C TRP B 81 -4.69 1.41 -15.18
N ALA B 82 -6.00 1.19 -15.27
CA ALA B 82 -6.72 0.42 -14.26
C ALA B 82 -6.16 -1.01 -14.12
N ARG B 83 -5.58 -1.54 -15.20
CA ARG B 83 -5.03 -2.89 -15.19
C ARG B 83 -3.97 -3.02 -14.12
N TYR B 84 -3.12 -2.00 -14.00
CA TYR B 84 -2.01 -2.02 -13.05
C TYR B 84 -2.51 -1.89 -11.62
N ALA B 85 -3.58 -1.13 -11.43
CA ALA B 85 -4.21 -1.02 -10.11
C ALA B 85 -4.77 -2.37 -9.68
N ASP B 86 -5.29 -3.10 -10.66
CA ASP B 86 -5.79 -4.46 -10.45
C ASP B 86 -4.62 -5.38 -10.08
N TRP B 87 -3.65 -5.46 -10.99
CA TRP B 87 -2.55 -6.43 -10.87
C TRP B 87 -1.66 -6.16 -9.65
N LEU B 88 -1.58 -4.89 -9.25
CA LEU B 88 -0.77 -4.51 -8.10
C LEU B 88 -1.19 -5.32 -6.88
N PHE B 89 -2.51 -5.51 -6.74
CA PHE B 89 -3.04 -6.27 -5.62
C PHE B 89 -3.29 -7.75 -5.92
N THR B 90 -3.76 -8.05 -7.12
CA THR B 90 -4.19 -9.43 -7.39
C THR B 90 -3.03 -10.37 -7.68
N THR B 91 -1.95 -9.88 -8.28
CA THR B 91 -0.85 -10.78 -8.60
C THR B 91 -0.11 -11.27 -7.35
N PRO B 92 0.11 -10.37 -6.37
CA PRO B 92 0.74 -10.85 -5.14
C PRO B 92 -0.16 -11.82 -4.35
N LEU B 93 -1.47 -11.59 -4.40
CA LEU B 93 -2.43 -12.51 -3.77
C LEU B 93 -2.36 -13.89 -4.40
N LEU B 94 -2.27 -13.95 -5.73
CA LEU B 94 -2.13 -15.22 -6.43
C LEU B 94 -0.83 -15.93 -6.04
N LEU B 95 0.27 -15.19 -5.98
CA LEU B 95 1.53 -15.76 -5.52
C LEU B 95 1.43 -16.25 -4.09
N LEU B 96 0.69 -15.52 -3.27
CA LEU B 96 0.43 -15.92 -1.90
C LEU B 96 -0.27 -17.28 -1.85
N ASP B 97 -1.31 -17.46 -2.67
CA ASP B 97 -2.00 -18.75 -2.78
C ASP B 97 -0.99 -19.88 -3.01
N LEU B 98 -0.10 -19.71 -3.97
CA LEU B 98 0.92 -20.72 -4.29
C LEU B 98 1.89 -20.94 -3.14
N ALA B 99 2.33 -19.85 -2.51
CA ALA B 99 3.29 -19.91 -1.41
C ALA B 99 2.71 -20.63 -0.20
N LEU B 100 1.44 -20.39 0.09
CA LEU B 100 0.77 -21.05 1.22
C LEU B 100 0.59 -22.53 0.94
N LEU B 101 0.25 -22.87 -0.29
CA LEU B 101 0.10 -24.27 -0.69
C LEU B 101 1.37 -25.07 -0.35
N VAL B 102 2.55 -24.49 -0.56
CA VAL B 102 3.80 -25.19 -0.27
C VAL B 102 4.44 -24.77 1.06
N ASP B 103 3.71 -23.99 1.85
CA ASP B 103 4.21 -23.53 3.16
C ASP B 103 5.59 -22.87 3.04
N ALA B 104 5.72 -21.95 2.09
CA ALA B 104 7.01 -21.29 1.84
C ALA B 104 7.48 -20.49 3.03
N ASP B 105 8.80 -20.35 3.16
CA ASP B 105 9.40 -19.47 4.15
C ASP B 105 8.93 -18.03 3.93
N GLN B 106 8.85 -17.27 5.01
CA GLN B 106 8.50 -15.85 4.93
C GLN B 106 9.42 -15.03 4.02
N GLY B 107 10.72 -15.31 4.10
CA GLY B 107 11.70 -14.60 3.26
C GLY B 107 11.39 -14.76 1.78
N THR B 108 11.04 -15.98 1.40
CA THR B 108 10.66 -16.27 0.02
C THR B 108 9.36 -15.55 -0.38
N ILE B 109 8.37 -15.55 0.51
CA ILE B 109 7.11 -14.82 0.26
C ILE B 109 7.39 -13.35 0.06
N LEU B 110 8.25 -12.77 0.90
CA LEU B 110 8.63 -11.37 0.76
C LEU B 110 9.32 -11.12 -0.59
N ALA B 111 10.23 -12.01 -0.98
CA ALA B 111 10.93 -11.86 -2.25
C ALA B 111 9.98 -11.86 -3.43
N LEU B 112 8.96 -12.74 -3.36
CA LEU B 112 8.00 -12.89 -4.44
C LEU B 112 7.09 -11.67 -4.57
N VAL B 113 6.58 -11.22 -3.44
CA VAL B 113 5.67 -10.09 -3.39
C VAL B 113 6.41 -8.83 -3.83
N GLY B 114 7.63 -8.66 -3.33
CA GLY B 114 8.48 -7.53 -3.69
C GLY B 114 8.83 -7.50 -5.17
N ALA B 115 9.23 -8.65 -5.70
CA ALA B 115 9.55 -8.74 -7.12
C ALA B 115 8.30 -8.45 -7.94
N ASP B 116 7.14 -8.90 -7.45
CA ASP B 116 5.89 -8.73 -8.17
C ASP B 116 5.50 -7.25 -8.20
N GLY B 117 5.64 -6.56 -7.06
CA GLY B 117 5.45 -5.12 -7.00
C GLY B 117 6.32 -4.38 -8.01
N ILE B 118 7.59 -4.76 -8.10
CA ILE B 118 8.51 -4.16 -9.04
C ILE B 118 8.02 -4.44 -10.47
N MET B 119 7.63 -5.69 -10.72
CA MET B 119 7.08 -6.06 -12.03
C MET B 119 5.92 -5.16 -12.48
N ILE B 120 4.91 -5.01 -11.64
CA ILE B 120 3.72 -4.25 -11.99
C ILE B 120 4.00 -2.75 -11.98
N GLY B 121 4.79 -2.30 -11.00
CA GLY B 121 5.16 -0.90 -10.90
C GLY B 121 5.94 -0.40 -12.10
N THR B 122 6.89 -1.20 -12.57
CA THR B 122 7.68 -0.79 -13.75
C THR B 122 6.84 -0.95 -15.00
N GLY B 123 5.91 -1.91 -14.97
CA GLY B 123 4.95 -2.07 -16.05
C GLY B 123 4.13 -0.80 -16.19
N LEU B 124 3.69 -0.27 -15.06
CA LEU B 124 2.88 0.94 -15.04
C LEU B 124 3.68 2.16 -15.52
N VAL B 125 4.90 2.29 -15.03
CA VAL B 125 5.76 3.39 -15.44
C VAL B 125 5.97 3.34 -16.96
N GLY B 126 6.27 2.16 -17.49
CA GLY B 126 6.41 2.00 -18.93
C GLY B 126 5.14 2.40 -19.69
N ALA B 127 3.99 2.02 -19.15
CA ALA B 127 2.71 2.28 -19.79
C ALA B 127 2.40 3.78 -19.87
N LEU B 128 2.91 4.54 -18.92
CA LEU B 128 2.64 5.97 -18.84
C LEU B 128 3.81 6.82 -19.33
N THR B 129 4.86 6.18 -19.83
CA THR B 129 6.07 6.91 -20.21
C THR B 129 5.92 7.58 -21.57
N LYS B 130 6.35 8.83 -21.67
CA LYS B 130 6.09 9.66 -22.85
C LYS B 130 7.17 9.60 -23.93
N VAL B 131 8.30 8.98 -23.62
CA VAL B 131 9.36 8.78 -24.61
C VAL B 131 9.26 7.34 -25.09
N TYR B 132 8.91 7.16 -26.36
CA TYR B 132 8.60 5.83 -26.88
C TYR B 132 9.67 4.79 -26.54
N SER B 133 10.93 5.11 -26.82
CA SER B 133 12.03 4.16 -26.60
C SER B 133 12.14 3.73 -25.15
N TYR B 134 11.94 4.66 -24.22
CA TYR B 134 12.08 4.34 -22.80
C TYR B 134 11.01 3.35 -22.35
N ARG B 135 9.85 3.34 -23.00
CA ARG B 135 8.77 2.44 -22.60
C ARG B 135 9.29 1.00 -22.55
N PHE B 136 10.18 0.66 -23.49
CA PHE B 136 10.68 -0.70 -23.61
C PHE B 136 11.76 -1.03 -22.61
N VAL B 137 12.44 -0.01 -22.10
CA VAL B 137 13.39 -0.21 -21.03
C VAL B 137 12.65 -0.71 -19.80
N TRP B 138 11.54 -0.05 -19.50
CA TRP B 138 10.68 -0.42 -18.37
C TRP B 138 10.09 -1.84 -18.57
N TRP B 139 9.70 -2.14 -19.81
CA TRP B 139 9.20 -3.47 -20.15
C TRP B 139 10.23 -4.55 -19.85
N ALA B 140 11.51 -4.27 -20.17
CA ALA B 140 12.58 -5.24 -19.94
C ALA B 140 12.85 -5.46 -18.44
N ILE B 141 12.82 -4.38 -17.67
CA ILE B 141 13.00 -4.51 -16.23
C ILE B 141 11.84 -5.32 -15.62
N SER B 142 10.64 -5.03 -16.07
CA SER B 142 9.45 -5.72 -15.58
C SER B 142 9.55 -7.20 -15.91
N THR B 143 10.00 -7.50 -17.12
CA THR B 143 10.12 -8.88 -17.59
C THR B 143 11.18 -9.65 -16.80
N ALA B 144 12.29 -8.98 -16.47
CA ALA B 144 13.31 -9.54 -15.60
C ALA B 144 12.74 -9.92 -14.23
N ALA B 145 11.91 -9.04 -13.67
CA ALA B 145 11.23 -9.33 -12.40
C ALA B 145 10.29 -10.52 -12.56
N MET B 146 9.53 -10.58 -13.65
CA MET B 146 8.69 -11.73 -13.89
C MET B 146 9.53 -13.03 -13.96
N LEU B 147 10.65 -12.98 -14.67
CA LEU B 147 11.52 -14.16 -14.81
C LEU B 147 12.05 -14.58 -13.44
N TYR B 148 12.35 -13.61 -12.59
CA TYR B 148 12.77 -13.93 -11.23
C TYR B 148 11.66 -14.68 -10.49
N ILE B 149 10.43 -14.18 -10.59
CA ILE B 149 9.29 -14.82 -9.93
C ILE B 149 9.11 -16.26 -10.44
N LEU B 150 9.18 -16.44 -11.76
CA LEU B 150 9.03 -17.76 -12.36
C LEU B 150 10.14 -18.70 -11.90
N TYR B 151 11.36 -18.19 -11.85
CA TYR B 151 12.50 -18.96 -11.35
C TYR B 151 12.21 -19.47 -9.94
N VAL B 152 11.70 -18.58 -9.09
CA VAL B 152 11.44 -18.93 -7.71
C VAL B 152 10.36 -19.98 -7.61
N LEU B 153 9.35 -19.88 -8.47
CA LEU B 153 8.25 -20.82 -8.43
C LEU B 153 8.71 -22.22 -8.85
N PHE B 154 9.82 -22.30 -9.57
CA PHE B 154 10.33 -23.58 -10.07
C PHE B 154 11.56 -24.11 -9.33
N PHE B 155 12.33 -23.22 -8.72
CA PHE B 155 13.60 -23.61 -8.13
C PHE B 155 13.74 -23.13 -6.69
N GLY B 156 12.84 -22.24 -6.27
CA GLY B 156 12.98 -21.57 -4.97
C GLY B 156 12.20 -22.24 -3.86
N PHE B 157 11.49 -23.31 -4.20
CA PHE B 157 10.74 -24.06 -3.22
C PHE B 157 11.38 -25.44 -3.01
N SER B 163 8.35 -32.90 -0.50
CA SER B 163 8.24 -32.93 0.96
C SER B 163 6.82 -32.61 1.43
N MET B 164 5.88 -32.58 0.49
CA MET B 164 4.49 -32.24 0.80
C MET B 164 3.55 -33.39 0.47
N ARG B 165 2.42 -33.47 1.17
CA ARG B 165 1.47 -34.54 0.92
C ARG B 165 1.03 -34.48 -0.54
N PRO B 166 0.53 -35.61 -1.07
CA PRO B 166 0.31 -35.78 -2.51
C PRO B 166 -0.78 -34.90 -3.11
N GLU B 167 -1.80 -34.57 -2.33
CA GLU B 167 -2.86 -33.70 -2.82
C GLU B 167 -2.30 -32.31 -3.04
N VAL B 168 -1.52 -31.84 -2.08
CA VAL B 168 -0.91 -30.52 -2.16
C VAL B 168 0.05 -30.43 -3.33
N ALA B 169 0.90 -31.44 -3.48
CA ALA B 169 1.93 -31.45 -4.51
C ALA B 169 1.31 -31.43 -5.90
N SER B 170 0.19 -32.11 -6.06
CA SER B 170 -0.46 -32.21 -7.36
C SER B 170 -1.21 -30.93 -7.74
N THR B 171 -1.87 -30.32 -6.75
CA THR B 171 -2.60 -29.08 -6.99
C THR B 171 -1.61 -27.94 -7.25
N PHE B 172 -0.56 -27.86 -6.44
CA PHE B 172 0.48 -26.88 -6.66
C PHE B 172 1.06 -26.97 -8.08
N LYS B 173 1.48 -28.16 -8.48
CA LYS B 173 2.09 -28.33 -9.80
C LYS B 173 1.18 -27.84 -10.92
N VAL B 174 -0.11 -28.13 -10.80
CA VAL B 174 -1.07 -27.70 -11.81
C VAL B 174 -1.20 -26.18 -11.81
N LEU B 175 -1.39 -25.61 -10.63
CA LEU B 175 -1.55 -24.16 -10.48
C LEU B 175 -0.28 -23.43 -10.90
N ARG B 176 0.88 -23.98 -10.58
CA ARG B 176 2.15 -23.40 -11.02
C ARG B 176 2.28 -23.37 -12.54
N ASN B 177 1.91 -24.48 -13.20
CA ASN B 177 2.03 -24.56 -14.64
C ASN B 177 1.06 -23.61 -15.32
N VAL B 178 -0.16 -23.51 -14.78
CA VAL B 178 -1.17 -22.58 -15.27
C VAL B 178 -0.60 -21.15 -15.17
N THR B 179 -0.06 -20.83 -14.01
CA THR B 179 0.50 -19.52 -13.72
C THR B 179 1.64 -19.19 -14.68
N VAL B 180 2.58 -20.11 -14.84
CA VAL B 180 3.74 -19.84 -15.66
C VAL B 180 3.37 -19.61 -17.12
N VAL B 181 2.42 -20.40 -17.62
CA VAL B 181 2.00 -20.27 -19.01
C VAL B 181 1.18 -19.00 -19.23
N LEU B 182 0.22 -18.72 -18.35
CA LEU B 182 -0.64 -17.55 -18.53
C LEU B 182 0.12 -16.25 -18.27
N TRP B 183 0.89 -16.20 -17.20
CA TRP B 183 1.60 -14.98 -16.88
C TRP B 183 2.60 -14.61 -17.98
N SER B 184 3.23 -15.62 -18.57
CA SER B 184 4.23 -15.37 -19.61
C SER B 184 3.65 -14.70 -20.86
N ALA B 185 2.36 -14.85 -21.06
CA ALA B 185 1.67 -14.24 -22.19
C ALA B 185 1.48 -12.71 -22.01
N TYR B 186 1.42 -12.26 -20.76
CA TYR B 186 1.16 -10.83 -20.50
C TYR B 186 2.20 -9.89 -21.14
N PRO B 187 3.49 -10.15 -20.92
CA PRO B 187 4.50 -9.27 -21.50
C PRO B 187 4.50 -9.26 -23.02
N VAL B 188 4.08 -10.37 -23.63
CA VAL B 188 4.01 -10.44 -25.08
C VAL B 188 2.87 -9.59 -25.59
N VAL B 189 1.71 -9.70 -24.93
CA VAL B 189 0.52 -8.94 -25.32
C VAL B 189 0.80 -7.44 -25.17
N TRP B 190 1.45 -7.05 -24.09
CA TRP B 190 1.81 -5.65 -23.88
C TRP B 190 2.76 -5.18 -24.98
N LEU B 191 3.77 -5.98 -25.29
CA LEU B 191 4.78 -5.61 -26.27
C LEU B 191 4.20 -5.35 -27.68
N ILE B 192 3.27 -6.19 -28.11
CA ILE B 192 2.72 -6.07 -29.46
C ILE B 192 1.47 -5.20 -29.50
N GLY B 193 0.92 -4.88 -28.32
CA GLY B 193 -0.34 -4.14 -28.23
C GLY B 193 -0.17 -2.63 -28.18
N SER B 194 -1.22 -1.95 -27.74
CA SER B 194 -1.28 -0.50 -27.73
C SER B 194 -0.25 0.15 -26.79
N GLU B 195 0.19 -0.56 -25.76
CA GLU B 195 1.17 -0.01 -24.83
C GLU B 195 2.58 -0.04 -25.43
N GLY B 196 2.80 -0.91 -26.40
CA GLY B 196 4.12 -1.13 -26.95
C GLY B 196 4.19 -0.79 -28.41
N ALA B 197 4.40 -1.81 -29.24
CA ALA B 197 4.60 -1.61 -30.69
C ALA B 197 3.36 -1.18 -31.45
N GLY B 198 2.18 -1.48 -30.91
CA GLY B 198 0.94 -1.08 -31.57
C GLY B 198 0.65 -1.88 -32.82
N ILE B 199 1.09 -3.13 -32.83
CA ILE B 199 0.86 -4.07 -33.93
C ILE B 199 -0.53 -4.70 -33.85
N VAL B 200 -0.95 -4.98 -32.63
CA VAL B 200 -2.29 -5.52 -32.38
C VAL B 200 -3.17 -4.39 -31.84
N PRO B 201 -4.35 -4.18 -32.45
CA PRO B 201 -5.18 -3.05 -32.02
C PRO B 201 -5.79 -3.26 -30.63
N LEU B 202 -6.20 -2.17 -30.00
CA LEU B 202 -6.61 -2.17 -28.61
C LEU B 202 -7.80 -3.09 -28.32
N ASN B 203 -8.77 -3.15 -29.24
CA ASN B 203 -9.91 -4.01 -28.98
C ASN B 203 -9.52 -5.49 -28.90
N ILE B 204 -8.55 -5.91 -29.72
CA ILE B 204 -8.07 -7.31 -29.69
C ILE B 204 -7.17 -7.54 -28.47
N GLU B 205 -6.33 -6.57 -28.16
CA GLU B 205 -5.50 -6.67 -26.98
C GLU B 205 -6.38 -6.79 -25.72
N THR B 206 -7.48 -6.04 -25.69
CA THR B 206 -8.38 -6.06 -24.53
C THR B 206 -9.02 -7.43 -24.42
N LEU B 207 -9.42 -7.98 -25.55
CA LEU B 207 -9.95 -9.36 -25.57
C LEU B 207 -8.92 -10.34 -25.02
N LEU B 208 -7.67 -10.23 -25.46
CA LEU B 208 -6.60 -11.12 -25.01
C LEU B 208 -6.36 -11.03 -23.50
N PHE B 209 -6.30 -9.82 -22.97
CA PHE B 209 -6.07 -9.65 -21.53
C PHE B 209 -7.26 -10.18 -20.75
N MET B 210 -8.46 -10.06 -21.31
CA MET B 210 -9.66 -10.54 -20.63
C MET B 210 -9.65 -12.07 -20.49
N VAL B 211 -9.32 -12.76 -21.58
CA VAL B 211 -9.22 -14.22 -21.55
C VAL B 211 -8.15 -14.66 -20.57
N LEU B 212 -6.97 -14.07 -20.67
CA LEU B 212 -5.89 -14.32 -19.72
C LEU B 212 -6.32 -14.03 -18.27
N ASP B 213 -6.92 -12.87 -18.01
CA ASP B 213 -7.29 -12.50 -16.64
C ASP B 213 -8.30 -13.46 -16.05
N VAL B 214 -9.33 -13.82 -16.82
CA VAL B 214 -10.37 -14.70 -16.29
C VAL B 214 -9.80 -16.08 -16.01
N SER B 215 -8.91 -16.54 -16.89
CA SER B 215 -8.25 -17.83 -16.70
C SER B 215 -7.33 -17.81 -15.48
N ALA B 216 -6.56 -16.74 -15.34
CA ALA B 216 -5.53 -16.65 -14.30
C ALA B 216 -6.08 -16.42 -12.90
N LYR B 217 -7.32 -15.96 -12.77
CA LYR B 217 -8.16 -15.56 -11.63
C LYR B 217 -9.25 -16.58 -11.32
O LYR B 217 -9.19 -17.27 -10.31
CB LYR B 217 -8.67 -14.12 -11.77
CG LYR B 217 -7.47 -13.16 -11.96
CD LYR B 217 -7.92 -11.70 -11.77
CE LYR B 217 -6.72 -10.80 -11.49
NZ LYR B 217 -5.95 -10.67 -12.72
C1 LYR B 217 -4.89 -11.44 -12.93
C2 LYR B 217 -3.79 -10.88 -13.54
C3 LYR B 217 -2.51 -11.41 -13.76
C4 LYR B 217 -2.16 -12.84 -13.34
C5 LYR B 217 -1.55 -10.56 -14.38
C6 LYR B 217 -0.23 -10.86 -14.62
C7 LYR B 217 0.45 -9.80 -15.26
C80 LYR B 217 1.79 -9.84 -15.65
C8 LYR B 217 2.63 -11.08 -15.35
C9 LYR B 217 2.36 -8.71 -16.34
C10 LYR B 217 3.66 -8.68 -16.76
C11 LYR B 217 4.25 -7.57 -17.50
C12 LYR B 217 5.58 -7.64 -17.83
C13 LYR B 217 6.39 -8.89 -17.46
C14 LYR B 217 6.35 -6.60 -18.59
C15 LYR B 217 5.64 -5.24 -18.58
C16 LYR B 217 4.16 -5.40 -18.85
C17 LYR B 217 3.42 -6.30 -17.85
C18 LYR B 217 3.11 -5.54 -16.57
C19 LYR B 217 2.12 -6.73 -18.51
N VAL B 218 -10.26 -16.64 -12.19
CA VAL B 218 -11.42 -17.50 -11.96
C VAL B 218 -11.06 -18.97 -12.24
N GLY B 219 -10.33 -19.22 -13.33
CA GLY B 219 -9.90 -20.59 -13.66
C GLY B 219 -8.97 -21.14 -12.60
N PHE B 220 -7.96 -20.35 -12.28
CA PHE B 220 -7.04 -20.66 -11.20
C PHE B 220 -7.77 -20.95 -9.90
N GLY B 221 -8.72 -20.09 -9.55
CA GLY B 221 -9.49 -20.23 -8.32
C GLY B 221 -10.34 -21.49 -8.29
N LEU B 222 -10.93 -21.84 -9.42
CA LEU B 222 -11.77 -23.04 -9.50
C LEU B 222 -10.95 -24.30 -9.23
N ILE B 223 -9.78 -24.38 -9.82
CA ILE B 223 -8.86 -25.50 -9.58
C ILE B 223 -8.41 -25.56 -8.12
N LEU B 224 -8.04 -24.41 -7.56
CA LEU B 224 -7.58 -24.37 -6.18
C LEU B 224 -8.69 -24.74 -5.19
N LEU B 225 -9.83 -24.08 -5.29
CA LEU B 225 -10.87 -24.21 -4.25
C LEU B 225 -11.63 -25.51 -4.38
N ARG B 226 -11.40 -26.23 -5.47
CA ARG B 226 -12.03 -27.52 -5.71
C ARG B 226 -11.15 -28.64 -5.16
N SER B 227 -9.93 -28.29 -4.77
CA SER B 227 -8.96 -29.27 -4.29
C SER B 227 -8.99 -29.39 -2.78
N ARG B 228 -8.65 -30.58 -2.28
CA ARG B 228 -8.57 -30.82 -0.85
C ARG B 228 -7.28 -30.23 -0.29
N ALA B 229 -6.44 -29.74 -1.17
CA ALA B 229 -5.15 -29.18 -0.79
C ALA B 229 -5.26 -27.97 0.15
N ILE B 230 -6.42 -27.33 0.16
CA ILE B 230 -6.59 -26.10 0.95
C ILE B 230 -6.88 -26.34 2.42
N PHE B 231 -7.14 -27.60 2.79
CA PHE B 231 -7.47 -27.92 4.20
C PHE B 231 -6.24 -28.28 5.00
N GLY B 232 -6.17 -27.77 6.24
CA GLY B 232 -5.03 -27.98 7.11
C GLY B 232 -5.13 -29.25 7.93
N GLU B 233 -4.34 -30.25 7.57
CA GLU B 233 -4.25 -31.50 8.33
C GLU B 233 -4.59 -31.28 9.79
N ILE C 5 -7.52 30.35 4.31
CA ILE C 5 -8.03 29.14 5.00
C ILE C 5 -9.47 29.33 5.50
N THR C 6 -9.81 30.54 5.91
CA THR C 6 -11.10 30.77 6.53
C THR C 6 -12.20 31.15 5.53
N GLY C 7 -11.93 31.00 4.23
CA GLY C 7 -12.86 31.43 3.21
C GLY C 7 -14.13 30.61 3.13
N ARG C 8 -13.96 29.28 3.12
CA ARG C 8 -15.07 28.36 2.99
C ARG C 8 -15.70 28.13 4.35
N PRO C 9 -17.02 27.95 4.40
CA PRO C 9 -17.72 27.75 5.66
C PRO C 9 -17.24 26.55 6.44
N GLU C 10 -16.82 25.50 5.75
CA GLU C 10 -16.42 24.27 6.43
C GLU C 10 -15.05 24.33 7.09
N TRP C 11 -14.32 25.44 6.93
CA TRP C 11 -12.99 25.56 7.53
C TRP C 11 -13.01 25.27 9.04
N ILE C 12 -14.03 25.76 9.73
CA ILE C 12 -14.10 25.61 11.18
C ILE C 12 -14.15 24.14 11.58
N TRP C 13 -14.85 23.31 10.81
CA TRP C 13 -14.93 21.87 11.11
C TRP C 13 -13.63 21.16 10.78
N LEU C 14 -12.95 21.61 9.72
CA LEU C 14 -11.66 21.04 9.38
C LEU C 14 -10.65 21.40 10.47
N ALA C 15 -10.71 22.63 10.97
CA ALA C 15 -9.81 23.08 12.02
C ALA C 15 -10.05 22.30 13.30
N LEU C 16 -11.31 22.19 13.69
CA LEU C 16 -11.72 21.43 14.87
C LEU C 16 -11.28 19.99 14.74
N GLY C 17 -11.55 19.37 13.59
CA GLY C 17 -11.12 18.00 13.34
C GLY C 17 -9.62 17.84 13.50
N THR C 18 -8.86 18.75 12.89
CA THR C 18 -7.41 18.71 12.99
C THR C 18 -7.00 18.73 14.46
N ALA C 19 -7.56 19.68 15.20
CA ALA C 19 -7.23 19.82 16.62
C ALA C 19 -7.61 18.58 17.45
N LEU C 20 -8.80 18.03 17.22
CA LEU C 20 -9.26 16.88 18.00
C LEU C 20 -8.46 15.60 17.68
N MET C 21 -8.18 15.35 16.41
CA MET C 21 -7.31 14.24 16.05
C MET C 21 -5.90 14.44 16.60
N GLY C 22 -5.40 15.66 16.56
CA GLY C 22 -4.04 15.92 17.05
C GLY C 22 -3.94 15.67 18.55
N LEU C 23 -4.87 16.26 19.29
CA LEU C 23 -4.96 16.06 20.74
C LEU C 23 -5.16 14.59 21.09
N GLY C 24 -5.99 13.91 20.31
CA GLY C 24 -6.22 12.49 20.54
C GLY C 24 -4.97 11.67 20.34
N THR C 25 -4.21 11.99 19.30
CA THR C 25 -2.95 11.29 19.04
C THR C 25 -1.98 11.49 20.20
N LEU C 26 -1.80 12.73 20.63
CA LEU C 26 -0.87 13.03 21.70
C LEU C 26 -1.27 12.33 23.01
N TYR C 27 -2.55 12.36 23.33
CA TYR C 27 -3.04 11.63 24.49
C TYR C 27 -2.70 10.13 24.43
N PHE C 28 -2.99 9.49 23.30
CA PHE C 28 -2.76 8.06 23.18
C PHE C 28 -1.27 7.74 23.22
N LEU C 29 -0.46 8.60 22.61
CA LEU C 29 1.00 8.49 22.68
C LEU C 29 1.50 8.49 24.12
N VAL C 30 1.06 9.45 24.90
CA VAL C 30 1.47 9.57 26.30
C VAL C 30 0.94 8.38 27.10
N LYS C 31 -0.34 8.09 26.93
CA LYS C 31 -0.96 6.96 27.61
C LYS C 31 -0.20 5.65 27.36
N GLY C 32 0.29 5.48 26.13
CA GLY C 32 0.98 4.24 25.76
C GLY C 32 2.40 4.13 26.30
N MET C 33 2.93 5.22 26.83
CA MET C 33 4.28 5.20 27.41
C MET C 33 4.41 4.19 28.55
N GLY C 34 5.42 3.34 28.46
CA GLY C 34 5.74 2.43 29.55
C GLY C 34 5.08 1.07 29.40
N VAL C 35 4.04 1.00 28.57
CA VAL C 35 3.35 -0.26 28.36
C VAL C 35 4.33 -1.30 27.81
N SER C 36 4.50 -2.39 28.54
CA SER C 36 5.47 -3.41 28.16
C SER C 36 4.82 -4.69 27.63
N ASP C 37 3.56 -4.91 27.97
CA ASP C 37 2.83 -6.10 27.51
C ASP C 37 2.76 -6.09 25.99
N PRO C 38 3.20 -7.18 25.34
CA PRO C 38 3.24 -7.21 23.87
C PRO C 38 1.89 -7.03 23.20
N ASP C 39 0.84 -7.64 23.74
CA ASP C 39 -0.50 -7.47 23.17
C ASP C 39 -0.97 -6.03 23.28
N ALA C 40 -0.76 -5.42 24.45
CA ALA C 40 -1.17 -4.04 24.68
C ALA C 40 -0.42 -3.08 23.76
N LYS C 41 0.86 -3.36 23.52
CA LYS C 41 1.66 -2.56 22.58
C LYS C 41 1.04 -2.54 21.19
N LYS C 42 0.60 -3.71 20.73
CA LYS C 42 -0.09 -3.80 19.43
C LYS C 42 -1.30 -2.88 19.38
N PHE C 43 -2.14 -2.92 20.42
CA PHE C 43 -3.35 -2.11 20.46
C PHE C 43 -3.05 -0.62 20.52
N TYR C 44 -2.06 -0.24 21.31
CA TYR C 44 -1.65 1.17 21.40
C TYR C 44 -1.09 1.67 20.07
N ALA C 45 -0.28 0.83 19.43
CA ALA C 45 0.31 1.21 18.15
C ALA C 45 -0.77 1.46 17.10
N ILE C 46 -1.67 0.50 16.97
CA ILE C 46 -2.78 0.58 16.01
C ILE C 46 -3.66 1.79 16.29
N THR C 47 -3.99 1.98 17.55
CA THR C 47 -5.00 2.93 17.92
C THR C 47 -4.47 4.35 17.96
N THR C 48 -3.17 4.48 18.17
CA THR C 48 -2.51 5.78 18.10
C THR C 48 -2.26 6.19 16.65
N LEU C 49 -1.97 5.21 15.80
CA LEU C 49 -1.75 5.49 14.39
C LEU C 49 -2.98 6.05 13.70
N VAL C 50 -4.16 5.59 14.12
CA VAL C 50 -5.44 5.95 13.50
C VAL C 50 -5.71 7.46 13.54
N PRO C 51 -5.68 8.08 14.73
CA PRO C 51 -5.89 9.53 14.73
C PRO C 51 -4.68 10.33 14.25
N ALA C 52 -3.50 9.73 14.27
CA ALA C 52 -2.30 10.39 13.76
C ALA C 52 -2.42 10.56 12.25
N ILE C 53 -2.89 9.51 11.58
CA ILE C 53 -3.10 9.57 10.12
C ILE C 53 -4.23 10.54 9.81
N ALA C 54 -5.30 10.47 10.61
CA ALA C 54 -6.46 11.34 10.42
C ALA C 54 -6.08 12.80 10.63
N PHE C 55 -5.23 13.05 11.61
CA PHE C 55 -4.70 14.37 11.82
C PHE C 55 -4.05 14.91 10.54
N THR C 56 -3.19 14.13 9.91
CA THR C 56 -2.50 14.59 8.70
C THR C 56 -3.48 14.90 7.57
N MET C 57 -4.56 14.14 7.48
CA MET C 57 -5.50 14.31 6.38
CA MET C 57 -5.49 14.30 6.38
C MET C 57 -6.46 15.45 6.65
N TYR C 58 -6.83 15.64 7.92
CA TYR C 58 -7.62 16.80 8.30
C TYR C 58 -6.83 18.07 8.00
N LEU C 59 -5.54 18.05 8.27
CA LEU C 59 -4.71 19.23 8.00
C LEU C 59 -4.62 19.49 6.49
N SER C 60 -4.47 18.42 5.72
CA SER C 60 -4.43 18.52 4.27
C SER C 60 -5.68 19.21 3.73
N MET C 61 -6.84 18.85 4.29
CA MET C 61 -8.10 19.45 3.86
C MET C 61 -8.16 20.91 4.33
N LEU C 62 -7.75 21.15 5.57
CA LEU C 62 -7.73 22.49 6.13
C LEU C 62 -6.87 23.44 5.29
N LEU C 63 -5.72 22.96 4.86
CA LEU C 63 -4.79 23.78 4.07
C LEU C 63 -5.11 23.80 2.58
N GLY C 64 -6.11 23.05 2.14
CA GLY C 64 -6.55 23.12 0.75
C GLY C 64 -5.95 22.04 -0.14
N TYR C 65 -4.89 21.39 0.33
CA TYR C 65 -4.25 20.35 -0.47
C TYR C 65 -5.20 19.18 -0.79
N GLY C 66 -6.05 18.80 0.14
CA GLY C 66 -6.86 17.59 -0.02
C GLY C 66 -8.22 17.82 -0.67
N LEU C 67 -8.33 18.94 -1.36
CA LEU C 67 -9.56 19.35 -2.02
C LEU C 67 -9.33 19.41 -3.53
N THR C 68 -10.24 18.82 -4.30
CA THR C 68 -10.18 18.96 -5.75
C THR C 68 -11.56 19.33 -6.29
N MET C 69 -11.64 19.64 -7.58
CA MET C 69 -12.91 19.93 -8.22
C MET C 69 -13.22 18.87 -9.26
N VAL C 70 -14.40 18.27 -9.18
CA VAL C 70 -14.81 17.22 -10.10
C VAL C 70 -16.07 17.63 -10.87
N PRO C 71 -16.03 17.58 -12.21
CA PRO C 71 -17.22 17.91 -13.00
C PRO C 71 -18.25 16.77 -13.04
N PHE C 72 -19.49 17.09 -12.65
CA PHE C 72 -20.62 16.18 -12.88
C PHE C 72 -21.95 16.90 -12.67
N GLY C 73 -23.02 16.30 -13.17
CA GLY C 73 -24.34 16.93 -13.10
C GLY C 73 -24.37 18.31 -13.74
N GLY C 74 -23.42 18.57 -14.63
CA GLY C 74 -23.35 19.85 -15.34
C GLY C 74 -22.61 20.95 -14.59
N GLU C 75 -22.00 20.59 -13.47
CA GLU C 75 -21.27 21.57 -12.65
C GLU C 75 -19.87 21.10 -12.27
N GLN C 76 -19.12 22.00 -11.66
CA GLN C 76 -17.85 21.67 -11.01
C GLN C 76 -18.09 21.53 -9.51
N ASN C 77 -17.82 20.35 -8.97
CA ASN C 77 -18.17 20.01 -7.59
C ASN C 77 -16.94 19.89 -6.70
N PRO C 78 -16.97 20.53 -5.53
CA PRO C 78 -15.84 20.43 -4.59
C PRO C 78 -15.77 19.08 -3.90
N ILE C 79 -14.67 18.36 -4.09
CA ILE C 79 -14.52 17.03 -3.50
C ILE C 79 -13.25 17.00 -2.65
N TYR C 80 -13.42 16.65 -1.38
CA TYR C 80 -12.29 16.40 -0.48
C TYR C 80 -11.82 14.96 -0.62
N TRP C 81 -10.78 14.76 -1.41
CA TRP C 81 -10.27 13.41 -1.70
C TRP C 81 -9.39 12.91 -0.56
N ALA C 82 -8.88 13.84 0.25
CA ALA C 82 -8.06 13.46 1.41
C ALA C 82 -8.75 12.49 2.35
N ARG C 83 -10.07 12.58 2.44
CA ARG C 83 -10.85 11.65 3.28
C ARG C 83 -10.51 10.20 2.97
N TYR C 84 -10.40 9.89 1.68
CA TYR C 84 -10.25 8.51 1.25
C TYR C 84 -8.85 8.00 1.54
N ALA C 85 -7.88 8.90 1.42
CA ALA C 85 -6.51 8.57 1.75
C ALA C 85 -6.40 8.28 3.25
N ASP C 86 -7.18 9.01 4.04
CA ASP C 86 -7.30 8.76 5.49
C ASP C 86 -7.92 7.38 5.72
N TRP C 87 -9.16 7.22 5.25
CA TRP C 87 -9.94 6.00 5.50
C TRP C 87 -9.27 4.72 4.97
N LEU C 88 -8.49 4.85 3.88
CA LEU C 88 -7.83 3.74 3.26
C LEU C 88 -6.92 3.05 4.24
N PHE C 89 -6.27 3.83 5.11
CA PHE C 89 -5.38 3.28 6.11
C PHE C 89 -6.02 3.12 7.48
N THR C 90 -6.90 4.03 7.84
CA THR C 90 -7.45 4.02 9.20
C THR C 90 -8.57 3.00 9.38
N THR C 91 -9.36 2.74 8.35
CA THR C 91 -10.47 1.80 8.55
C THR C 91 -9.96 0.36 8.72
N PRO C 92 -8.96 -0.06 7.94
CA PRO C 92 -8.50 -1.43 8.20
C PRO C 92 -7.79 -1.55 9.55
N LEU C 93 -7.14 -0.47 10.00
CA LEU C 93 -6.51 -0.48 11.31
C LEU C 93 -7.58 -0.68 12.41
N LEU C 94 -8.70 0.03 12.28
CA LEU C 94 -9.79 -0.11 13.23
C LEU C 94 -10.34 -1.53 13.21
N LEU C 95 -10.49 -2.10 12.02
CA LEU C 95 -10.94 -3.49 11.90
C LEU C 95 -9.93 -4.45 12.53
N LEU C 96 -8.66 -4.10 12.44
CA LEU C 96 -7.57 -4.91 13.02
C LEU C 96 -7.66 -4.91 14.54
N ASP C 97 -7.96 -3.75 15.13
CA ASP C 97 -8.16 -3.67 16.58
C ASP C 97 -9.23 -4.70 16.97
N LEU C 98 -10.38 -4.66 16.31
CA LEU C 98 -11.48 -5.57 16.59
C LEU C 98 -11.09 -7.04 16.41
N ALA C 99 -10.38 -7.34 15.32
CA ALA C 99 -9.97 -8.71 15.00
C ALA C 99 -8.98 -9.27 16.02
N LEU C 100 -8.06 -8.43 16.50
CA LEU C 100 -7.11 -8.85 17.52
C LEU C 100 -7.79 -9.10 18.87
N LEU C 101 -8.78 -8.28 19.18
CA LEU C 101 -9.53 -8.42 20.41
C LEU C 101 -10.11 -9.83 20.53
N VAL C 102 -10.72 -10.32 19.44
CA VAL C 102 -11.36 -11.63 19.46
C VAL C 102 -10.47 -12.72 18.88
N ASP C 103 -9.19 -12.39 18.66
CA ASP C 103 -8.21 -13.34 18.13
C ASP C 103 -8.65 -14.00 16.82
N ALA C 104 -9.09 -13.20 15.87
CA ALA C 104 -9.62 -13.72 14.61
C ALA C 104 -8.58 -14.47 13.80
N ASP C 105 -9.06 -15.43 13.01
CA ASP C 105 -8.22 -16.15 12.06
C ASP C 105 -7.65 -15.19 11.03
N GLN C 106 -6.43 -15.48 10.58
CA GLN C 106 -5.76 -14.62 9.60
C GLN C 106 -6.55 -14.48 8.30
N GLY C 107 -7.22 -15.56 7.89
CA GLY C 107 -8.06 -15.54 6.69
C GLY C 107 -9.20 -14.56 6.81
N THR C 108 -9.78 -14.47 8.01
CA THR C 108 -10.87 -13.55 8.27
C THR C 108 -10.34 -12.11 8.28
N ILE C 109 -9.16 -11.91 8.86
CA ILE C 109 -8.52 -10.59 8.84
C ILE C 109 -8.25 -10.13 7.41
N LEU C 110 -7.72 -11.02 6.57
CA LEU C 110 -7.45 -10.66 5.20
C LEU C 110 -8.75 -10.32 4.45
N ALA C 111 -9.81 -11.08 4.73
CA ALA C 111 -11.11 -10.83 4.10
C ALA C 111 -11.63 -9.44 4.47
N LEU C 112 -11.50 -9.08 5.74
CA LEU C 112 -11.96 -7.79 6.24
C LEU C 112 -11.16 -6.64 5.62
N VAL C 113 -9.85 -6.77 5.66
CA VAL C 113 -8.96 -5.73 5.14
C VAL C 113 -9.19 -5.54 3.63
N GLY C 114 -9.29 -6.63 2.89
CA GLY C 114 -9.54 -6.55 1.46
C GLY C 114 -10.90 -5.97 1.14
N ALA C 115 -11.93 -6.39 1.86
CA ALA C 115 -13.25 -5.85 1.64
C ALA C 115 -13.27 -4.36 1.97
N ASP C 116 -12.53 -3.98 3.00
CA ASP C 116 -12.44 -2.57 3.42
C ASP C 116 -11.71 -1.74 2.35
N GLY C 117 -10.62 -2.28 1.83
CA GLY C 117 -9.91 -1.65 0.72
C GLY C 117 -10.84 -1.41 -0.46
N ILE C 118 -11.67 -2.40 -0.79
CA ILE C 118 -12.61 -2.27 -1.90
C ILE C 118 -13.65 -1.19 -1.57
N MET C 119 -14.13 -1.20 -0.34
CA MET C 119 -15.10 -0.21 0.10
C MET C 119 -14.61 1.22 -0.09
N ILE C 120 -13.40 1.49 0.39
CA ILE C 120 -12.87 2.85 0.33
C ILE C 120 -12.44 3.19 -1.09
N GLY C 121 -11.77 2.24 -1.74
CA GLY C 121 -11.34 2.40 -3.12
C GLY C 121 -12.48 2.70 -4.07
N THR C 122 -13.59 1.96 -3.97
CA THR C 122 -14.76 2.24 -4.83
C THR C 122 -15.48 3.51 -4.40
N GLY C 123 -15.40 3.83 -3.11
CA GLY C 123 -15.89 5.11 -2.64
C GLY C 123 -15.14 6.27 -3.28
N LEU C 124 -13.82 6.14 -3.34
CA LEU C 124 -12.95 7.15 -4.00
C LEU C 124 -13.30 7.29 -5.49
N VAL C 125 -13.41 6.18 -6.18
CA VAL C 125 -13.72 6.21 -7.61
C VAL C 125 -15.09 6.84 -7.81
N GLY C 126 -16.03 6.49 -6.94
CA GLY C 126 -17.34 7.09 -6.98
C GLY C 126 -17.25 8.59 -6.76
N ALA C 127 -16.38 9.01 -5.84
CA ALA C 127 -16.24 10.43 -5.51
C ALA C 127 -15.62 11.24 -6.65
N LEU C 128 -14.75 10.61 -7.43
CA LEU C 128 -14.03 11.29 -8.51
C LEU C 128 -14.65 11.04 -9.88
N THR C 129 -15.80 10.39 -9.91
CA THR C 129 -16.42 9.99 -11.18
C THR C 129 -17.22 11.11 -11.83
N LYS C 130 -16.89 11.35 -13.10
CA LYS C 130 -17.41 12.51 -13.84
C LYS C 130 -18.80 12.31 -14.40
N VAL C 131 -19.27 11.07 -14.47
CA VAL C 131 -20.64 10.78 -14.91
C VAL C 131 -21.54 10.56 -13.71
N TYR C 132 -22.40 11.52 -13.47
CA TYR C 132 -23.26 11.52 -12.29
C TYR C 132 -23.82 10.12 -11.96
N SER C 133 -24.54 9.52 -12.91
CA SER C 133 -25.21 8.24 -12.66
C SER C 133 -24.25 7.16 -12.14
N TYR C 134 -23.08 7.05 -12.77
CA TYR C 134 -22.12 5.99 -12.42
C TYR C 134 -21.65 6.12 -10.97
N ARG C 135 -21.73 7.33 -10.43
CA ARG C 135 -21.25 7.61 -9.08
C ARG C 135 -21.92 6.69 -8.09
N PHE C 136 -23.21 6.42 -8.36
CA PHE C 136 -24.02 5.67 -7.42
C PHE C 136 -23.86 4.17 -7.62
N VAL C 137 -23.35 3.77 -8.79
CA VAL C 137 -22.98 2.38 -9.02
C VAL C 137 -21.81 2.04 -8.10
N TRP C 138 -20.83 2.92 -8.07
CA TRP C 138 -19.71 2.78 -7.18
C TRP C 138 -20.16 2.83 -5.72
N TRP C 139 -21.07 3.74 -5.40
CA TRP C 139 -21.63 3.82 -4.04
C TRP C 139 -22.25 2.49 -3.62
N ALA C 140 -23.01 1.88 -4.54
CA ALA C 140 -23.64 0.59 -4.27
C ALA C 140 -22.64 -0.55 -4.03
N ILE C 141 -21.56 -0.60 -4.80
CA ILE C 141 -20.55 -1.64 -4.64
C ILE C 141 -19.87 -1.43 -3.28
N SER C 142 -19.57 -0.17 -2.98
CA SER C 142 -18.90 0.18 -1.74
C SER C 142 -19.78 -0.22 -0.55
N THR C 143 -21.07 0.01 -0.67
CA THR C 143 -22.01 -0.31 0.40
C THR C 143 -22.15 -1.83 0.58
N ALA C 144 -22.09 -2.57 -0.53
CA ALA C 144 -22.09 -4.03 -0.45
C ALA C 144 -20.88 -4.52 0.34
N ALA C 145 -19.71 -3.94 0.08
CA ALA C 145 -18.48 -4.27 0.81
C ALA C 145 -18.62 -3.95 2.29
N MET C 146 -19.23 -2.81 2.61
CA MET C 146 -19.45 -2.41 4.00
C MET C 146 -20.37 -3.41 4.70
N LEU C 147 -21.46 -3.77 4.04
CA LEU C 147 -22.41 -4.76 4.58
C LEU C 147 -21.71 -6.10 4.82
N TYR C 148 -20.78 -6.48 3.94
CA TYR C 148 -20.02 -7.70 4.13
C TYR C 148 -19.20 -7.57 5.42
N ILE C 149 -18.51 -6.45 5.57
CA ILE C 149 -17.73 -6.20 6.78
C ILE C 149 -18.60 -6.30 8.04
N LEU C 150 -19.74 -5.63 8.02
CA LEU C 150 -20.65 -5.62 9.17
C LEU C 150 -21.19 -7.02 9.45
N TYR C 151 -21.45 -7.78 8.39
CA TYR C 151 -21.86 -9.16 8.54
C TYR C 151 -20.81 -10.01 9.26
N VAL C 152 -19.55 -9.87 8.85
CA VAL C 152 -18.44 -10.59 9.48
C VAL C 152 -18.27 -10.16 10.93
N LEU C 153 -18.39 -8.87 11.19
CA LEU C 153 -18.23 -8.38 12.55
C LEU C 153 -19.31 -9.00 13.46
N PHE C 154 -20.49 -9.25 12.90
CA PHE C 154 -21.63 -9.81 13.66
C PHE C 154 -21.79 -11.32 13.51
N PHE C 155 -21.69 -11.83 12.30
CA PHE C 155 -21.88 -13.26 12.04
C PHE C 155 -20.59 -13.92 11.56
N GLY C 156 -19.47 -13.23 11.76
CA GLY C 156 -18.19 -13.71 11.23
C GLY C 156 -17.29 -14.31 12.29
N PHE C 157 -17.28 -13.69 13.48
CA PHE C 157 -16.49 -14.20 14.59
C PHE C 157 -17.05 -13.73 15.93
N THR C 158 -18.30 -13.27 15.93
CA THR C 158 -18.96 -12.82 17.16
C THR C 158 -19.04 -13.95 18.18
N SER C 159 -19.04 -15.19 17.70
CA SER C 159 -19.03 -16.35 18.57
C SER C 159 -17.70 -16.47 19.31
N LYS C 160 -16.62 -16.08 18.64
CA LYS C 160 -15.29 -16.12 19.25
C LYS C 160 -15.16 -15.15 20.42
N ALA C 161 -15.73 -13.96 20.27
CA ALA C 161 -15.73 -12.96 21.35
C ALA C 161 -16.42 -13.54 22.59
N GLU C 162 -17.59 -14.11 22.39
CA GLU C 162 -18.38 -14.67 23.49
C GLU C 162 -17.55 -15.67 24.29
N SER C 163 -16.78 -16.50 23.60
CA SER C 163 -15.99 -17.54 24.23
C SER C 163 -14.59 -17.06 24.63
N MET C 164 -14.44 -15.75 24.77
CA MET C 164 -13.23 -15.16 25.34
C MET C 164 -13.55 -14.77 26.78
N ARG C 165 -12.58 -14.23 27.50
CA ARG C 165 -12.81 -13.83 28.88
C ARG C 165 -13.72 -12.62 28.93
N PRO C 166 -14.52 -12.49 30.00
CA PRO C 166 -15.59 -11.50 30.10
C PRO C 166 -15.17 -10.08 29.69
N GLU C 167 -13.98 -9.67 30.09
CA GLU C 167 -13.51 -8.30 29.82
C GLU C 167 -13.30 -8.09 28.32
N VAL C 168 -12.89 -9.13 27.62
CA VAL C 168 -12.69 -9.09 26.19
C VAL C 168 -14.03 -9.08 25.47
N ALA C 169 -14.86 -10.09 25.75
CA ALA C 169 -16.17 -10.20 25.13
C ALA C 169 -16.97 -8.90 25.30
N SER C 170 -16.83 -8.28 26.46
CA SER C 170 -17.60 -7.08 26.78
C SER C 170 -17.11 -5.86 26.02
N THR C 171 -15.79 -5.63 26.04
CA THR C 171 -15.21 -4.50 25.33
C THR C 171 -15.44 -4.68 23.83
N PHE C 172 -15.25 -5.90 23.33
CA PHE C 172 -15.52 -6.14 21.92
C PHE C 172 -16.95 -5.76 21.54
N LYS C 173 -17.93 -6.19 22.34
CA LYS C 173 -19.32 -5.96 21.99
C LYS C 173 -19.63 -4.47 21.93
N VAL C 174 -19.10 -3.70 22.88
CA VAL C 174 -19.28 -2.26 22.89
C VAL C 174 -18.67 -1.63 21.64
N LEU C 175 -17.42 -2.00 21.33
CA LEU C 175 -16.72 -1.41 20.18
C LEU C 175 -17.35 -1.84 18.88
N ARG C 176 -17.84 -3.08 18.83
CA ARG C 176 -18.53 -3.54 17.64
C ARG C 176 -19.80 -2.73 17.39
N ASN C 177 -20.55 -2.44 18.45
CA ASN C 177 -21.78 -1.67 18.32
C ASN C 177 -21.50 -0.25 17.87
N VAL C 178 -20.49 0.36 18.48
CA VAL C 178 -20.06 1.71 18.10
C VAL C 178 -19.71 1.72 16.61
N THR C 179 -18.95 0.72 16.19
CA THR C 179 -18.49 0.62 14.80
C THR C 179 -19.66 0.49 13.82
N VAL C 180 -20.57 -0.43 14.09
CA VAL C 180 -21.69 -0.66 13.18
C VAL C 180 -22.59 0.57 13.06
N VAL C 181 -22.84 1.25 14.19
CA VAL C 181 -23.69 2.43 14.18
C VAL C 181 -22.99 3.59 13.48
N LEU C 182 -21.74 3.85 13.84
CA LEU C 182 -21.01 4.97 13.25
C LEU C 182 -20.67 4.72 11.77
N TRP C 183 -20.16 3.55 11.44
CA TRP C 183 -19.79 3.29 10.04
C TRP C 183 -21.01 3.35 9.11
N SER C 184 -22.17 2.88 9.60
CA SER C 184 -23.39 2.86 8.79
C SER C 184 -23.86 4.25 8.40
N ALA C 185 -23.52 5.24 9.20
CA ALA C 185 -23.88 6.62 8.88
C ALA C 185 -23.11 7.20 7.67
N TYR C 186 -21.88 6.73 7.46
CA TYR C 186 -21.02 7.29 6.38
C TYR C 186 -21.65 7.22 4.99
N PRO C 187 -22.14 6.03 4.57
CA PRO C 187 -22.72 5.98 3.23
C PRO C 187 -23.95 6.87 3.08
N VAL C 188 -24.66 7.09 4.18
CA VAL C 188 -25.82 7.96 4.16
C VAL C 188 -25.37 9.40 3.94
N VAL C 189 -24.39 9.84 4.72
CA VAL C 189 -23.90 11.20 4.60
C VAL C 189 -23.39 11.44 3.19
N TRP C 190 -22.66 10.46 2.65
CA TRP C 190 -22.10 10.56 1.30
C TRP C 190 -23.23 10.69 0.29
N LEU C 191 -24.25 9.87 0.46
CA LEU C 191 -25.38 9.81 -0.47
C LEU C 191 -26.14 11.14 -0.53
N ILE C 192 -26.37 11.77 0.63
CA ILE C 192 -27.14 13.02 0.67
C ILE C 192 -26.27 14.28 0.53
N GLY C 193 -24.96 14.11 0.66
CA GLY C 193 -24.03 15.23 0.57
C GLY C 193 -23.50 15.56 -0.82
N SER C 194 -22.43 16.33 -0.86
CA SER C 194 -21.85 16.86 -2.10
C SER C 194 -21.33 15.79 -3.08
N GLU C 195 -20.91 14.64 -2.57
CA GLU C 195 -20.43 13.55 -3.43
C GLU C 195 -21.58 12.91 -4.19
N GLY C 196 -22.80 13.07 -3.67
CA GLY C 196 -23.96 12.36 -4.18
C GLY C 196 -25.09 13.25 -4.62
N ALA C 197 -26.20 13.18 -3.90
CA ALA C 197 -27.42 13.89 -4.30
C ALA C 197 -27.32 15.41 -4.15
N GLY C 198 -26.50 15.88 -3.21
CA GLY C 198 -26.34 17.31 -3.01
C GLY C 198 -27.49 17.93 -2.22
N ILE C 199 -28.14 17.14 -1.40
CA ILE C 199 -29.24 17.61 -0.58
C ILE C 199 -28.75 18.39 0.64
N VAL C 200 -27.65 17.93 1.23
CA VAL C 200 -27.03 18.62 2.36
C VAL C 200 -25.81 19.39 1.87
N PRO C 201 -25.65 20.66 2.29
CA PRO C 201 -24.49 21.42 1.82
C PRO C 201 -23.17 20.84 2.33
N LEU C 202 -22.09 21.14 1.61
CA LEU C 202 -20.77 20.62 1.95
C LEU C 202 -20.35 20.98 3.37
N ASN C 203 -20.72 22.19 3.81
CA ASN C 203 -20.42 22.68 5.14
C ASN C 203 -20.92 21.73 6.24
N ILE C 204 -22.19 21.34 6.10
CA ILE C 204 -22.84 20.43 7.05
C ILE C 204 -22.33 18.99 6.90
N GLU C 205 -22.10 18.57 5.67
CA GLU C 205 -21.52 17.24 5.44
C GLU C 205 -20.16 17.12 6.13
N THR C 206 -19.35 18.17 6.06
CA THR C 206 -18.01 18.17 6.66
C THR C 206 -18.12 18.09 8.18
N LEU C 207 -19.08 18.80 8.73
CA LEU C 207 -19.36 18.74 10.17
C LEU C 207 -19.76 17.33 10.57
N LEU C 208 -20.61 16.70 9.76
CA LEU C 208 -21.10 15.36 10.03
C LEU C 208 -19.96 14.35 10.02
N PHE C 209 -19.13 14.39 8.98
CA PHE C 209 -17.96 13.49 8.91
C PHE C 209 -16.98 13.74 10.05
N MET C 210 -16.82 15.00 10.44
CA MET C 210 -15.91 15.32 11.55
C MET C 210 -16.37 14.70 12.87
N VAL C 211 -17.67 14.82 13.16
CA VAL C 211 -18.25 14.24 14.35
C VAL C 211 -18.16 12.72 14.29
N LEU C 212 -18.51 12.14 13.14
CA LEU C 212 -18.35 10.71 12.95
C LEU C 212 -16.89 10.27 13.10
N ASP C 213 -15.97 10.96 12.44
CA ASP C 213 -14.56 10.57 12.44
C ASP C 213 -13.99 10.60 13.85
N VAL C 214 -14.25 11.69 14.56
CA VAL C 214 -13.71 11.85 15.91
C VAL C 214 -14.27 10.77 16.82
N SER C 215 -15.57 10.49 16.70
CA SER C 215 -16.19 9.43 17.51
C SER C 215 -15.62 8.07 17.16
N ALA C 216 -15.45 7.80 15.87
CA ALA C 216 -15.06 6.45 15.41
C ALA C 216 -13.60 6.08 15.65
N LYR C 217 -12.73 7.06 15.87
CA LYR C 217 -11.29 7.14 16.05
C LYR C 217 -10.92 7.41 17.51
O LYR C 217 -10.38 6.52 18.19
CB LYR C 217 -10.61 8.11 15.08
CG LYR C 217 -10.89 7.64 13.65
CD LYR C 217 -10.03 8.41 12.65
CE LYR C 217 -10.02 7.71 11.28
NZ LYR C 217 -11.29 7.96 10.63
C1 LYR C 217 -12.28 7.08 10.72
C2 LYR C 217 -13.04 6.84 9.60
C3 LYR C 217 -14.04 5.88 9.39
C4 LYR C 217 -14.47 4.92 10.49
C5 LYR C 217 -14.64 5.83 8.11
C6 LYR C 217 -15.59 4.91 7.71
C7 LYR C 217 -16.06 5.15 6.40
C80 LYR C 217 -17.00 4.38 5.71
C8 LYR C 217 -17.56 3.13 6.38
C9 LYR C 217 -17.43 4.77 4.40
C10 LYR C 217 -18.33 4.06 3.67
C11 LYR C 217 -18.80 4.47 2.34
C12 LYR C 217 -19.72 3.69 1.71
C13 LYR C 217 -20.23 2.40 2.38
C14 LYR C 217 -20.31 3.98 0.33
C15 LYR C 217 -19.39 4.90 -0.45
C16 LYR C 217 -19.04 6.11 0.37
C17 LYR C 217 -18.25 5.76 1.65
C18 LYR C 217 -16.80 5.55 1.31
C19 LYR C 217 -18.40 6.95 2.61
N VAL C 218 -11.18 8.61 17.98
CA VAL C 218 -10.81 8.99 19.32
C VAL C 218 -11.76 8.38 20.36
N GLY C 219 -13.07 8.47 20.12
CA GLY C 219 -14.07 7.83 20.99
C GLY C 219 -13.81 6.35 21.12
N PHE C 220 -13.72 5.68 19.97
CA PHE C 220 -13.40 4.27 19.86
C PHE C 220 -12.11 3.94 20.63
N GLY C 221 -11.06 4.72 20.41
CA GLY C 221 -9.77 4.46 21.05
C GLY C 221 -9.80 4.63 22.56
N LEU C 222 -10.51 5.64 23.03
CA LEU C 222 -10.68 5.84 24.48
C LEU C 222 -11.30 4.61 25.12
N ILE C 223 -12.38 4.10 24.53
CA ILE C 223 -13.04 2.91 25.07
C ILE C 223 -12.11 1.71 25.07
N LEU C 224 -11.37 1.53 23.97
CA LEU C 224 -10.50 0.38 23.83
C LEU C 224 -9.33 0.47 24.81
N LEU C 225 -8.62 1.59 24.80
CA LEU C 225 -7.37 1.68 25.54
C LEU C 225 -7.60 1.84 27.03
N ARG C 226 -8.85 2.04 27.43
CA ARG C 226 -9.20 2.16 28.85
C ARG C 226 -9.52 0.79 29.44
N SER C 227 -9.70 -0.19 28.57
CA SER C 227 -10.12 -1.51 28.98
C SER C 227 -8.93 -2.43 29.24
N ARG C 228 -9.12 -3.39 30.13
CA ARG C 228 -8.10 -4.38 30.42
C ARG C 228 -8.09 -5.47 29.34
N ALA C 229 -9.02 -5.35 28.40
CA ALA C 229 -9.10 -6.30 27.30
C ALA C 229 -7.86 -6.28 26.41
N ILE C 230 -7.10 -5.19 26.44
CA ILE C 230 -5.92 -5.07 25.57
C ILE C 230 -4.71 -5.87 26.10
N PHE C 231 -4.75 -6.22 27.38
CA PHE C 231 -3.63 -6.97 27.98
C PHE C 231 -3.74 -8.47 27.75
N GLY C 232 -2.62 -9.09 27.40
CA GLY C 232 -2.58 -10.51 27.11
C GLY C 232 -2.48 -11.37 28.37
C2 LFA D . 3.20 8.56 -5.70
C3 LFA D . 3.48 10.04 -5.88
C4 LFA D . 2.65 10.63 -7.01
C5 LFA D . 3.04 12.09 -7.25
C6 LFA D . 2.49 12.58 -8.59
C7 LFA D . 3.25 13.82 -9.06
C8 LFA D . 2.59 14.45 -10.27
C4 LFA E . 3.15 6.07 -10.04
C5 LFA E . 1.93 6.95 -10.23
C6 LFA E . 2.12 7.90 -11.40
C7 LFA E . 1.38 9.22 -11.19
C8 LFA E . 1.89 10.30 -12.14
C1 LFA F . 0.24 -0.05 9.24
C2 LFA F . 1.01 1.12 8.70
C3 LFA F . 0.30 1.75 7.51
C4 LFA F . 0.00 3.22 7.77
C5 LFA F . 0.77 4.14 6.83
C6 LFA F . 0.29 5.58 6.98
C7 LFA F . 0.64 6.46 5.79
C8 LFA F . -0.13 7.78 5.88
C9 LFA F . 0.39 8.83 4.90
C10 LFA F . 0.30 10.22 5.52
C11 LFA F . 0.16 11.31 4.46
C1 LFA G . 7.55 -5.34 -0.43
C2 LFA G . 6.62 -4.41 -1.18
C3 LFA G . 7.41 -3.41 -2.03
C4 LFA G . 6.82 -3.28 -3.42
C5 LFA G . 7.74 -2.48 -4.35
C6 LFA G . 6.95 -1.70 -5.40
C7 LFA G . 7.88 -0.77 -6.17
C8 LFA G . 7.22 -0.29 -7.46
C9 LFA G . 8.28 0.08 -8.50
C10 LFA G . 7.83 1.25 -9.37
C1 LFA H . 2.16 26.21 14.07
C2 LFA H . 1.53 27.24 13.17
C3 LFA H . 2.36 27.46 11.92
C4 LFA H . 1.97 28.75 11.20
C5 LFA H . 2.88 29.02 10.01
C6 LFA H . 3.09 30.53 9.81
C7 LFA H . 4.53 30.83 9.40
C1 LFA I . 7.12 24.90 11.16
C2 LFA I . 6.52 25.94 10.23
C3 LFA I . 7.60 26.85 9.67
C4 LFA I . 7.00 27.90 8.76
C5 LFA I . 8.01 28.99 8.38
C6 LFA I . 7.54 29.78 7.18
C7 LFA I . 8.65 30.65 6.61
C1 LFA J . 12.18 24.93 10.79
C2 LFA J . 13.04 25.74 9.85
C3 LFA J . 12.17 26.53 8.87
C4 LFA J . 13.03 27.20 7.80
C5 LFA J . 12.16 27.83 6.71
C6 LFA J . 12.98 28.56 5.67
C7 LFA J . 12.16 29.67 5.01
C1 LFA K . 19.29 -0.23 -17.38
C2 LFA K . 19.78 1.18 -17.64
C3 LFA K . 18.96 1.83 -18.75
C4 LFA K . 19.55 3.17 -19.18
C5 LFA K . 18.78 3.76 -20.36
C6 LFA K . 19.66 4.66 -21.21
C7 LFA K . 18.82 5.56 -22.11
C1 LFA L . 22.89 2.99 -15.85
C2 LFA L . 23.34 4.40 -16.21
C3 LFA L . 22.74 4.86 -17.53
C4 LFA L . 23.69 5.82 -18.26
C5 LFA L . 22.92 6.74 -19.20
C6 LFA L . 23.83 7.75 -19.88
C1 LFA M . 17.78 27.22 8.19
C2 LFA M . 17.34 27.75 6.85
C3 LFA M . 17.13 29.27 6.89
C4 LFA M . 17.48 29.92 5.56
C5 LFA M . 16.91 31.34 5.49
C6 LFA M . 16.71 31.81 4.05
C1 LFA N . 30.47 5.29 18.83
C2 LFA N . 29.69 5.46 17.54
C3 LFA N . 29.30 6.92 17.33
C4 LFA N . 28.58 7.12 16.00
C5 LFA N . 28.27 8.58 15.76
C6 LFA N . 28.95 9.15 14.52
C7 LFA N . 28.72 10.65 14.44
C8 LFA N . 28.77 11.20 13.02
C9 LFA N . 28.85 12.73 13.04
C10 LFA N . 27.56 13.37 12.53
C3 LFA O . 25.55 6.80 19.57
C4 LFA O . 25.94 7.93 18.62
C5 LFA O . 25.01 8.04 17.43
C6 LFA O . 24.38 9.43 17.35
C7 LFA O . 24.88 10.20 16.12
C8 LFA O . 23.82 11.20 15.65
C9 LFA O . 24.43 12.27 14.74
C10 LFA O . 23.35 13.11 14.06
C1 LFA P . 29.62 -4.20 -5.32
C2 LFA P . 28.83 -3.28 -4.41
C3 LFA P . 27.90 -2.37 -5.21
C4 LFA P . 28.64 -1.14 -5.76
C5 LFA P . 28.36 0.09 -4.92
C6 LFA P . 29.32 0.17 -3.73
C7 LFA P . 29.12 1.48 -2.96
C8 LFA P . 29.19 1.24 -1.45
C9 LFA P . 28.75 2.49 -0.70
C10 LFA P . 29.17 2.45 0.75
C2 MPG Q . 2.28 4.39 18.09
C3 MPG Q . 2.95 5.69 17.66
C4 MPG Q . 2.95 5.80 16.14
C5 MPG Q . 2.42 7.16 15.70
C6 MPG Q . 3.45 8.24 15.98
C7 MPG Q . 3.75 9.08 14.74
C8 MPG Q . 3.25 10.50 14.91
C9 MPG Q . 4.30 11.50 14.48
C10 MPG Q . 3.96 12.58 13.79
C11 MPG Q . 2.52 12.88 13.43
C12 MPG Q . 1.62 12.76 14.66
C13 MPG Q . 0.74 13.99 14.84
C14 MPG Q . 1.05 14.70 16.15
C15 MPG Q . -0.07 15.66 16.54
C16 MPG Q . 0.46 17.05 16.80
C17 MPG Q . -0.63 18.10 16.55
C18 MPG Q . -0.64 19.16 17.64
O1 MPG Q . 3.12 2.89 19.76
C1 MPG Q . 2.45 4.15 19.58
CXD MPG Q . 3.60 0.87 21.28
O2 MPG Q . 3.56 0.66 22.70
C21 MPG Q . 5.05 1.08 20.86
O3 MPG Q . 5.71 -0.19 20.78
CX3 MPG Q . 2.79 2.09 20.93
C2 LFA R . -1.98 1.90 -8.39
C3 LFA R . -2.53 3.27 -8.79
C4 LFA R . -2.38 3.51 -10.29
C5 LFA R . -2.00 4.97 -10.57
C6 LFA R . -2.44 5.39 -11.96
C7 LFA R . -2.47 6.91 -12.10
C8 LFA R . -3.00 7.33 -13.46
C3 LFA S . -1.14 6.87 -5.53
C4 LFA S . -1.33 7.25 -6.98
C5 LFA S . -1.77 8.71 -7.13
C6 LFA S . -2.36 8.97 -8.51
C7 LFA S . -1.94 10.34 -9.04
C8 LFA S . -3.07 11.36 -8.90
C1 LFA T . 15.32 -3.09 -23.76
C2 LFA T . 15.31 -1.76 -24.46
C3 LFA T . 14.72 -1.88 -25.87
C4 LFA T . 14.80 -0.56 -26.62
C5 LFA T . 13.89 -0.58 -27.85
C6 LFA T . 14.40 0.34 -28.94
C7 LFA T . 13.26 1.02 -29.69
C1 LFA U . 20.11 -0.33 -22.28
C2 LFA U . 20.12 0.92 -23.13
C3 LFA U . 18.75 1.19 -23.75
C4 LFA U . 18.91 1.91 -25.09
C5 LFA U . 17.57 2.42 -25.60
C6 LFA U . 17.67 2.85 -27.06
C1 LFA V . -22.51 -3.88 -12.96
C2 LFA V . -22.97 -2.46 -13.24
C3 LFA V . -22.91 -2.13 -14.73
C4 LFA V . -23.18 -0.64 -14.94
C5 LFA V . -23.45 -0.30 -16.41
C6 LFA V . -24.22 1.00 -16.51
C1 LFA W . -22.08 -6.70 -15.80
C2 LFA W . -21.58 -5.94 -17.01
C3 LFA W . -22.67 -5.76 -18.04
C4 LFA W . -22.98 -4.30 -18.29
C5 LFA W . -23.23 -4.04 -19.77
C6 LFA W . -23.87 -2.67 -19.99
C1 LFA X . -18.84 -20.55 -12.17
C2 LFA X . -18.08 -19.25 -12.26
C3 LFA X . -18.69 -18.33 -13.32
C4 LFA X . -17.65 -17.40 -13.92
C5 LFA X . -17.18 -17.91 -15.29
C6 LFA X . -15.69 -18.23 -15.24
C7 LFA X . -15.24 -19.05 -16.46
C8 LFA X . -13.89 -19.72 -16.17
C9 LFA X . -12.94 -19.58 -17.36
C10 LFA X . -11.82 -20.61 -17.28
C1 LFA Y . -1.12 -29.45 -15.85
C2 LFA Y . -0.58 -28.16 -16.44
C3 LFA Y . -1.72 -27.31 -17.01
C4 LFA Y . -1.21 -26.19 -17.90
C5 LFA Y . -2.39 -25.45 -18.52
C6 LFA Y . -1.99 -24.12 -19.16
C7 LFA Y . -3.24 -23.32 -19.55
C8 LFA Y . -3.18 -22.80 -20.99
C2 MPG Z . 15.05 -11.16 -3.21
C3 MPG Z . 15.34 -10.23 -4.39
C4 MPG Z . 14.05 -9.57 -4.88
C5 MPG Z . 14.35 -8.67 -6.06
C6 MPG Z . 13.91 -9.31 -7.36
C7 MPG Z . 14.02 -8.35 -8.54
C8 MPG Z . 14.19 -9.08 -9.86
C9 MPG Z . 14.57 -8.08 -10.92
C10 MPG Z . 13.96 -6.90 -10.90
C11 MPG Z . 14.28 -5.83 -11.91
C12 MPG Z . 14.52 -4.52 -11.18
C13 MPG Z . 15.66 -4.61 -10.18
C14 MPG Z . 16.83 -5.43 -10.73
C15 MPG Z . 18.10 -4.59 -10.87
C16 MPG Z . 18.61 -4.67 -12.30
C17 MPG Z . 20.02 -4.12 -12.41
C18 MPG Z . 20.49 -4.11 -13.85
O1 MPG Z . 16.17 -13.11 -2.36
C1 MPG Z . 16.36 -11.73 -2.66
CXD MPG Z . 15.46 -14.67 -0.54
O2 MPG Z . 16.89 -14.78 -0.47
C21 MPG Z . 14.87 -15.96 -1.09
O3 MPG Z . 13.95 -16.50 -0.14
CX3 MPG Z . 15.14 -13.53 -1.45
C2 LFA AA . -1.25 11.10 0.32
C3 LFA AA . -0.55 12.01 -0.68
C4 LFA AA . -0.91 11.65 -2.11
C5 LFA AA . -0.66 12.83 -3.04
C6 LFA AA . -1.01 12.51 -4.50
C7 LFA AA . -1.45 13.78 -5.22
C8 LFA AA . -1.23 13.68 -6.73
C2 LFA BA . -4.04 6.69 -2.18
C3 LFA BA . -4.15 8.20 -2.31
C4 LFA BA . -5.37 8.61 -3.14
C5 LFA BA . -5.00 9.59 -4.25
C6 LFA BA . -6.21 10.36 -4.76
C7 LFA BA . -5.79 11.32 -5.87
C8 LFA BA . -6.88 12.34 -6.19
C1 LFA CA . -5.32 -7.61 0.62
C2 LFA CA . -5.52 -6.11 0.52
C3 LFA CA . -6.04 -5.73 -0.85
C4 LFA CA . -6.52 -4.29 -0.86
C5 LFA CA . -7.73 -4.11 -1.76
C6 LFA CA . -7.45 -3.07 -2.83
C7 LFA CA . -8.69 -2.23 -3.10
C8 LFA CA . -9.04 -2.25 -4.58
C9 LFA CA . -9.49 -0.86 -5.03
C10 LFA CA . -10.87 -0.92 -5.65
C11 LFA CA . -11.26 0.45 -6.19
C1 LFA DA . -4.76 23.11 14.94
C2 LFA DA . -5.70 23.56 13.85
C3 LFA DA . -6.13 25.01 14.04
C4 LFA DA . -5.64 25.88 12.88
C5 LFA DA . -6.55 27.09 12.68
C6 LFA DA . -5.96 28.05 11.64
C7 LFA DA . -6.37 29.49 11.93
C8 LFA DA . -6.40 30.34 10.67
C9 LFA DA . -6.83 31.77 10.99
C10 LFA DA . -6.37 32.75 9.93
C1 LFA EA . -0.93 22.00 13.23
C2 LFA EA . -0.71 22.99 12.11
C3 LFA EA . -1.70 24.15 12.19
C4 LFA EA . -1.85 24.86 10.84
C5 LFA EA . -1.56 26.34 10.95
C6 LFA EA . -2.40 27.14 9.98
C7 LFA EA . -1.56 28.12 9.19
C1 LFA FA . -27.52 -1.72 -13.02
C2 LFA FA . -27.04 -0.29 -12.98
C3 LFA FA . -27.45 0.47 -14.23
C4 LFA FA . -27.34 1.98 -14.03
C5 LFA FA . -28.71 2.62 -13.83
C6 LFA FA . -28.66 4.12 -14.08
C1 LFA GA . -27.39 2.06 -8.56
C2 LFA GA . -27.15 3.27 -9.45
C3 LFA GA . -28.22 4.33 -9.22
C4 LFA GA . -28.08 5.48 -10.22
C5 LFA GA . -29.40 6.21 -10.42
C6 LFA GA . -29.17 7.67 -10.80
C1 LFA HA . -29.74 5.60 -4.17
C2 LFA HA . -29.55 6.47 -5.39
C3 LFA HA . -29.83 7.93 -5.09
C4 LFA HA . -29.44 8.84 -6.25
C5 LFA HA . -29.52 10.32 -5.86
C6 LFA HA . -30.05 11.17 -7.00
C1 LFA IA . -29.77 18.21 7.96
C2 LFA IA . -29.60 19.71 7.84
C3 LFA IA . -29.97 20.23 6.45
C4 LFA IA . -29.67 21.72 6.35
C5 LFA IA . -30.44 22.40 5.22
C6 LFA IA . -30.32 23.92 5.34
C1 LFA JA . -26.49 19.64 12.31
C2 LFA JA . -26.54 21.10 11.91
C3 LFA JA . -27.57 21.34 10.80
C4 LFA JA . -27.49 22.76 10.23
C5 LFA JA . -28.85 23.26 9.78
C6 LFA JA . -28.74 24.31 8.68
C1 LFA KA . -9.52 10.63 30.34
C2 LFA KA . -10.28 11.17 29.14
C3 LFA KA . -9.64 12.46 28.61
C4 LFA KA . -8.78 12.20 27.39
C5 LFA KA . -8.68 13.40 26.46
C6 LFA KA . -8.90 12.99 25.00
C7 LFA KA . -8.25 13.96 24.02
C8 LFA KA . -9.28 14.92 23.42
C9 LFA KA . -9.89 14.35 22.15
C10 LFA KA . -11.36 14.72 22.01
C11 LFA KA . -12.27 13.64 22.59
C12 LFA KA . -13.59 13.51 21.82
C13 LFA KA . -14.36 12.28 22.29
C14 LFA KA . -15.44 11.85 21.30
C2 LFA LA . -22.54 1.18 21.92
C3 LFA LA . -23.49 2.02 21.06
C4 LFA LA . -22.74 3.16 20.38
C5 LFA LA . -23.70 4.16 19.75
C6 LFA LA . -22.98 5.45 19.38
C2 MPG MA . -13.64 -12.88 1.23
C3 MPG MA . -14.63 -11.81 0.80
C4 MPG MA . -13.94 -10.66 0.09
C5 MPG MA . -14.91 -9.91 -0.82
C6 MPG MA . -15.55 -8.74 -0.09
C7 MPG MA . -16.00 -7.64 -1.05
C8 MPG MA . -17.25 -8.07 -1.79
C9 MPG MA . -18.30 -6.99 -1.74
C10 MPG MA . -18.29 -5.94 -2.57
C11 MPG MA . -17.24 -5.72 -3.63
C12 MPG MA . -16.71 -7.02 -4.21
C13 MPG MA . -17.12 -7.22 -5.65
C14 MPG MA . -18.64 -7.29 -5.75
C15 MPG MA . -19.09 -8.47 -6.58
C16 MPG MA . -20.50 -8.25 -7.10
C17 MPG MA . -20.75 -9.00 -8.39
C18 MPG MA . -21.80 -8.31 -9.22
O1 MPG MA . -13.64 -15.11 2.16
C1 MPG MA . -14.33 -14.24 1.26
CXD MPG MA . -13.11 -15.89 4.52
O2 MPG MA . -13.16 -17.28 4.17
C21 MPG MA . -13.62 -15.70 5.95
O3 MPG MA . -12.55 -15.91 6.87
CX3 MPG MA . -13.97 -15.11 3.56
#